data_1NAW
#
_entry.id   1NAW
#
_cell.length_a   86.900
_cell.length_b   155.900
_cell.length_c   83.850
_cell.angle_alpha   90.00
_cell.angle_beta   91.65
_cell.angle_gamma   90.00
#
_symmetry.space_group_name_H-M   'C 1 2 1'
#
loop_
_entity.id
_entity.type
_entity.pdbx_description
1 polymer 'UDP-N-ACETYLGLUCOSAMINE 1-CARBOXYVINYL-TRANSFERASE'
2 non-polymer 'CYCLOHEXYLAMMONIUM ION'
3 water water
#
_entity_poly.entity_id   1
_entity_poly.type   'polypeptide(L)'
_entity_poly.pdbx_seq_one_letter_code
;MDKFRVQGPTRLQGEVTISGAKNAALPILFAALLAEEPVEIQNVPKLKDIDTTMKLLTQLGTKVERNGSVWIDASNVNNF
SAPYDLVKTMRASIWALGPLVARFGQGQVSLPGGCAIGARPVDLHIFGLEKLGAEIKLEEGYVKASVNGRLKGAHIVMDK
VSVGATVTIMSAATLAEGTTIIENAAREPEIVDTANFLVALGAKISGQGTDRITIEGVERLGGGVYRVLPDRIETGTFLV
AAAISGGKIVCRNAQPDTLDAVLAKLREAGADIETGEDWISLDMHGKRPKAVTVRTAPHPAFPTDMQAQFTLLNLVAEGT
GVITETIFENRFMHVPELIRMGAHAEIESNTVICHGVEKLSGAQVMATDLRASASLVLAGCIAEGTTVVDRIYHIDRGYE
RIEDKLRALGANIERVKGE
;
_entity_poly.pdbx_strand_id   A,B
#
loop_
_chem_comp.id
_chem_comp.type
_chem_comp.name
_chem_comp.formula
HAI non-polymer 'CYCLOHEXYLAMMONIUM ION' 'C6 H14 N 1'
#
# COMPACT_ATOMS: atom_id res chain seq x y z
N MET A 1 -19.26 30.69 5.51
CA MET A 1 -19.23 29.95 4.22
C MET A 1 -17.79 29.91 3.68
N ASP A 2 -17.26 28.69 3.89
CA ASP A 2 -15.90 28.49 3.42
C ASP A 2 -15.94 28.56 1.90
N LYS A 3 -14.88 29.15 1.37
CA LYS A 3 -14.73 29.28 -0.08
C LYS A 3 -13.29 28.82 -0.29
N PHE A 4 -12.91 28.56 -1.51
CA PHE A 4 -11.56 28.20 -1.89
C PHE A 4 -11.00 29.35 -2.75
N ARG A 5 -9.84 29.85 -2.39
CA ARG A 5 -9.16 30.89 -3.12
C ARG A 5 -8.09 30.07 -3.86
N VAL A 6 -8.18 30.02 -5.21
CA VAL A 6 -7.21 29.21 -5.96
C VAL A 6 -6.41 30.15 -6.86
N GLN A 7 -5.09 29.98 -6.92
CA GLN A 7 -4.31 30.86 -7.74
C GLN A 7 -3.54 30.07 -8.77
N GLY A 8 -3.67 30.45 -10.04
CA GLY A 8 -2.90 29.63 -11.00
C GLY A 8 -2.20 30.55 -12.00
N PRO A 9 -1.69 29.91 -13.04
CA PRO A 9 -1.76 28.48 -13.21
C PRO A 9 -0.72 27.65 -12.53
N THR A 10 -1.02 26.41 -12.17
CA THR A 10 -0.07 25.51 -11.50
C THR A 10 -0.10 24.19 -12.23
N ARG A 11 1.00 23.52 -12.53
CA ARG A 11 0.99 22.23 -13.17
C ARG A 11 0.67 21.23 -12.03
N LEU A 12 -0.21 20.27 -12.23
CA LEU A 12 -0.53 19.33 -11.14
C LEU A 12 0.12 18.01 -11.46
N GLN A 13 1.01 17.73 -10.49
CA GLN A 13 1.88 16.57 -10.48
C GLN A 13 2.25 16.06 -9.10
N GLY A 14 2.43 14.75 -8.97
CA GLY A 14 2.76 14.15 -7.70
C GLY A 14 1.94 12.89 -7.45
N GLU A 15 1.63 12.61 -6.17
CA GLU A 15 0.89 11.42 -5.81
C GLU A 15 -0.34 11.79 -4.98
N VAL A 16 -1.39 10.99 -5.15
CA VAL A 16 -2.59 11.31 -4.37
C VAL A 16 -3.05 9.94 -3.92
N THR A 17 -3.61 9.86 -2.73
CA THR A 17 -4.08 8.52 -2.30
C THR A 17 -5.60 8.62 -2.35
N ILE A 18 -6.25 7.74 -3.04
CA ILE A 18 -7.69 7.81 -3.20
C ILE A 18 -8.41 7.29 -1.95
N SER A 19 -9.45 7.97 -1.51
CA SER A 19 -10.29 7.62 -0.36
C SER A 19 -11.30 6.53 -0.70
N GLY A 20 -11.86 5.86 0.32
CA GLY A 20 -12.80 4.81 0.02
C GLY A 20 -14.04 5.52 -0.55
N ALA A 21 -14.87 4.84 -1.35
CA ALA A 21 -16.02 5.55 -1.87
C ALA A 21 -17.13 5.63 -0.82
N LYS A 22 -17.59 6.83 -0.56
CA LYS A 22 -18.68 7.11 0.35
C LYS A 22 -19.94 6.40 -0.13
N ASN A 23 -20.13 6.29 -1.47
CA ASN A 23 -21.27 5.62 -2.07
C ASN A 23 -21.27 4.10 -2.01
N ALA A 24 -20.18 3.51 -1.51
CA ALA A 24 -19.93 2.12 -1.24
C ALA A 24 -19.96 2.06 0.32
N ALA A 25 -19.26 2.94 0.99
CA ALA A 25 -19.27 2.99 2.43
C ALA A 25 -20.71 3.08 3.00
N LEU A 26 -21.59 3.97 2.52
CA LEU A 26 -22.96 4.11 3.01
C LEU A 26 -23.85 2.90 2.95
N PRO A 27 -24.05 2.23 1.83
CA PRO A 27 -24.86 1.08 1.75
C PRO A 27 -24.22 -0.04 2.56
N ILE A 28 -22.92 -0.15 2.69
CA ILE A 28 -22.29 -1.22 3.45
C ILE A 28 -22.51 -0.95 4.93
N LEU A 29 -22.45 0.26 5.43
CA LEU A 29 -22.69 0.63 6.81
C LEU A 29 -24.14 0.27 7.15
N PHE A 30 -25.13 0.54 6.32
CA PHE A 30 -26.50 0.20 6.56
C PHE A 30 -26.70 -1.28 6.51
N ALA A 31 -26.04 -2.06 5.68
CA ALA A 31 -26.09 -3.47 5.50
C ALA A 31 -25.48 -4.18 6.73
N ALA A 32 -24.62 -3.44 7.43
CA ALA A 32 -23.98 -3.92 8.67
C ALA A 32 -24.98 -4.13 9.83
N LEU A 33 -26.21 -3.63 9.75
CA LEU A 33 -27.38 -3.72 10.60
C LEU A 33 -27.84 -5.19 10.49
N LEU A 34 -27.50 -5.90 9.42
CA LEU A 34 -27.82 -7.30 9.29
C LEU A 34 -26.85 -8.24 10.03
N ALA A 35 -25.66 -7.80 10.39
CA ALA A 35 -24.60 -8.54 11.00
C ALA A 35 -24.79 -8.75 12.51
N GLU A 36 -24.84 -10.04 12.85
CA GLU A 36 -25.01 -10.43 14.27
C GLU A 36 -23.75 -10.31 15.10
N GLU A 37 -22.63 -10.47 14.45
CA GLU A 37 -21.30 -10.33 15.00
C GLU A 37 -20.67 -9.02 14.50
N PRO A 38 -19.70 -8.57 15.29
CA PRO A 38 -18.98 -7.35 15.06
C PRO A 38 -18.29 -7.42 13.70
N VAL A 39 -18.22 -6.20 13.15
CA VAL A 39 -17.69 -5.93 11.83
C VAL A 39 -16.74 -4.74 11.83
N GLU A 40 -15.69 -4.96 11.01
CA GLU A 40 -14.71 -3.90 10.83
C GLU A 40 -14.82 -3.42 9.35
N ILE A 41 -15.24 -2.21 9.14
CA ILE A 41 -15.41 -1.67 7.79
C ILE A 41 -14.24 -0.68 7.64
N GLN A 42 -13.31 -1.12 6.80
CA GLN A 42 -12.11 -0.34 6.54
C GLN A 42 -12.17 0.57 5.33
N ASN A 43 -11.28 1.56 5.39
CA ASN A 43 -11.13 2.51 4.28
C ASN A 43 -12.40 3.33 4.10
N VAL A 44 -12.87 3.87 5.24
CA VAL A 44 -14.10 4.66 5.21
C VAL A 44 -13.63 6.10 5.22
N PRO A 45 -14.12 6.93 4.28
CA PRO A 45 -13.77 8.31 4.21
C PRO A 45 -14.35 8.99 5.43
N LYS A 46 -13.77 10.11 5.78
CA LYS A 46 -14.30 10.84 6.92
C LYS A 46 -15.15 11.92 6.35
N LEU A 47 -16.43 11.63 6.12
CA LEU A 47 -17.28 12.67 5.50
C LEU A 47 -18.56 12.82 6.31
N LYS A 48 -19.19 13.95 6.15
CA LYS A 48 -20.46 14.22 6.81
C LYS A 48 -21.48 13.07 6.81
N ASP A 49 -21.91 12.45 5.71
CA ASP A 49 -22.87 11.37 5.76
C ASP A 49 -22.39 10.17 6.53
N ILE A 50 -21.10 9.94 6.66
CA ILE A 50 -20.50 8.84 7.43
C ILE A 50 -20.84 9.12 8.93
N ASP A 51 -20.63 10.33 9.40
CA ASP A 51 -20.90 10.82 10.72
C ASP A 51 -22.42 10.76 10.91
N THR A 52 -23.31 11.23 10.10
CA THR A 52 -24.74 11.13 10.26
C THR A 52 -25.11 9.67 10.35
N THR A 53 -24.54 8.81 9.52
CA THR A 53 -24.80 7.40 9.49
C THR A 53 -24.38 6.72 10.78
N MET A 54 -23.22 7.00 11.33
CA MET A 54 -22.80 6.37 12.59
C MET A 54 -23.77 6.84 13.71
N LYS A 55 -24.20 8.08 13.78
CA LYS A 55 -25.12 8.65 14.75
C LYS A 55 -26.46 7.93 14.63
N LEU A 56 -26.91 7.75 13.36
CA LEU A 56 -28.18 7.03 13.18
C LEU A 56 -28.10 5.62 13.72
N LEU A 57 -27.11 4.84 13.32
CA LEU A 57 -26.83 3.48 13.71
C LEU A 57 -26.79 3.35 15.24
N THR A 58 -26.13 4.34 15.81
CA THR A 58 -26.01 4.44 17.27
C THR A 58 -27.41 4.59 17.86
N GLN A 59 -28.31 5.40 17.33
CA GLN A 59 -29.68 5.57 17.74
C GLN A 59 -30.44 4.25 17.68
N LEU A 60 -30.14 3.30 16.81
CA LEU A 60 -30.85 2.03 16.70
C LEU A 60 -30.31 1.02 17.67
N GLY A 61 -29.23 1.32 18.40
CA GLY A 61 -28.67 0.38 19.37
C GLY A 61 -27.43 -0.30 18.91
N THR A 62 -26.87 0.28 17.82
CA THR A 62 -25.66 -0.26 17.27
C THR A 62 -24.49 0.33 18.05
N LYS A 63 -23.50 -0.52 18.29
CA LYS A 63 -22.28 -0.01 18.93
C LYS A 63 -21.36 0.36 17.73
N VAL A 64 -21.01 1.62 17.59
CA VAL A 64 -20.18 2.14 16.54
C VAL A 64 -19.04 3.00 17.12
N GLU A 65 -17.85 2.82 16.60
CA GLU A 65 -16.60 3.49 16.92
C GLU A 65 -15.87 3.71 15.58
N ARG A 66 -15.06 4.72 15.49
CA ARG A 66 -14.35 5.00 14.26
C ARG A 66 -12.96 5.64 14.34
N ASN A 67 -12.35 5.55 13.17
CA ASN A 67 -11.16 6.04 12.63
C ASN A 67 -10.47 5.72 11.34
N GLY A 68 -10.50 4.71 10.58
CA GLY A 68 -9.79 4.54 9.30
C GLY A 68 -10.92 3.64 8.72
N SER A 69 -11.18 2.78 9.72
CA SER A 69 -12.21 1.80 9.68
C SER A 69 -13.33 2.33 10.58
N VAL A 70 -14.46 1.72 10.35
CA VAL A 70 -15.65 1.95 11.14
C VAL A 70 -15.94 0.54 11.71
N TRP A 71 -15.88 0.40 13.05
CA TRP A 71 -16.12 -0.90 13.69
C TRP A 71 -17.59 -0.85 14.17
N ILE A 72 -18.30 -1.90 13.82
CA ILE A 72 -19.73 -1.94 14.12
C ILE A 72 -20.10 -3.18 14.94
N ASP A 73 -20.93 -2.95 15.97
CA ASP A 73 -21.42 -4.14 16.72
C ASP A 73 -22.93 -4.00 16.67
N ALA A 74 -23.53 -4.79 15.79
CA ALA A 74 -24.97 -4.66 15.63
C ALA A 74 -25.71 -5.80 16.30
N SER A 75 -25.02 -6.61 17.06
CA SER A 75 -25.68 -7.74 17.74
C SER A 75 -26.85 -7.30 18.60
N ASN A 76 -26.93 -6.13 19.26
CA ASN A 76 -27.94 -5.60 20.13
C ASN A 76 -28.79 -4.46 19.64
N VAL A 77 -29.00 -4.36 18.35
CA VAL A 77 -29.82 -3.35 17.70
C VAL A 77 -31.20 -3.59 18.33
N ASN A 78 -31.78 -2.50 18.79
CA ASN A 78 -33.06 -2.70 19.47
C ASN A 78 -33.95 -1.51 19.39
N ASN A 79 -33.74 -0.57 18.49
CA ASN A 79 -34.58 0.58 18.32
C ASN A 79 -34.69 0.57 16.77
N PHE A 80 -35.89 0.27 16.31
CA PHE A 80 -36.08 0.12 14.87
C PHE A 80 -36.71 1.30 14.15
N SER A 81 -36.51 2.47 14.69
CA SER A 81 -37.09 3.65 14.10
C SER A 81 -36.01 4.67 13.92
N ALA A 82 -35.79 5.16 12.71
CA ALA A 82 -34.82 6.15 12.28
C ALA A 82 -35.63 7.44 12.34
N PRO A 83 -35.29 8.27 13.31
CA PRO A 83 -35.95 9.52 13.55
C PRO A 83 -35.53 10.65 12.62
N TYR A 84 -36.51 11.52 12.38
CA TYR A 84 -36.39 12.68 11.54
C TYR A 84 -35.22 13.55 11.87
N ASP A 85 -34.89 13.84 13.11
CA ASP A 85 -33.73 14.70 13.39
C ASP A 85 -32.43 14.05 12.90
N LEU A 86 -32.32 12.73 12.80
CA LEU A 86 -31.09 12.08 12.37
C LEU A 86 -31.15 11.76 10.88
N VAL A 87 -32.34 11.70 10.32
CA VAL A 87 -32.45 11.34 8.92
C VAL A 87 -32.75 12.49 7.97
N LYS A 88 -33.14 13.66 8.46
CA LYS A 88 -33.52 14.76 7.59
C LYS A 88 -32.45 15.27 6.64
N THR A 89 -31.20 15.15 7.02
CA THR A 89 -29.88 15.41 6.58
C THR A 89 -29.37 14.53 5.41
N MET A 90 -29.94 13.31 5.40
CA MET A 90 -29.47 12.31 4.46
C MET A 90 -30.47 11.32 3.90
N ARG A 91 -30.64 11.37 2.59
CA ARG A 91 -31.50 10.50 1.81
C ARG A 91 -31.13 9.01 1.88
N ALA A 92 -29.82 8.72 2.05
CA ALA A 92 -29.30 7.39 2.13
C ALA A 92 -29.85 6.70 3.39
N SER A 93 -30.35 7.44 4.39
CA SER A 93 -30.95 6.90 5.60
C SER A 93 -32.08 5.95 5.28
N ILE A 94 -32.72 5.94 4.08
CA ILE A 94 -33.73 5.03 3.60
C ILE A 94 -33.18 3.62 3.66
N TRP A 95 -31.83 3.47 3.56
CA TRP A 95 -31.21 2.18 3.60
C TRP A 95 -31.26 1.46 4.95
N ALA A 96 -31.69 2.08 6.02
CA ALA A 96 -31.87 1.45 7.33
C ALA A 96 -33.16 0.61 7.27
N LEU A 97 -34.19 0.95 6.49
CA LEU A 97 -35.46 0.27 6.37
C LEU A 97 -35.39 -1.23 6.04
N GLY A 98 -34.74 -1.65 4.93
CA GLY A 98 -34.57 -3.01 4.49
C GLY A 98 -33.93 -3.90 5.54
N PRO A 99 -32.77 -3.57 6.06
CA PRO A 99 -32.07 -4.37 7.08
C PRO A 99 -32.92 -4.55 8.36
N LEU A 100 -33.55 -3.49 8.85
CA LEU A 100 -34.39 -3.58 10.06
C LEU A 100 -35.53 -4.55 9.85
N VAL A 101 -36.30 -4.46 8.74
CA VAL A 101 -37.39 -5.41 8.48
C VAL A 101 -36.97 -6.81 8.17
N ALA A 102 -35.81 -6.97 7.47
CA ALA A 102 -35.35 -8.30 7.12
C ALA A 102 -34.87 -9.06 8.36
N ARG A 103 -34.19 -8.34 9.25
CA ARG A 103 -33.62 -8.95 10.43
C ARG A 103 -34.55 -8.94 11.68
N PHE A 104 -35.21 -7.83 11.94
CA PHE A 104 -36.07 -7.68 13.11
C PHE A 104 -37.56 -7.68 12.91
N GLY A 105 -38.02 -7.74 11.67
CA GLY A 105 -39.42 -7.81 11.30
C GLY A 105 -40.13 -6.50 11.33
N GLN A 106 -39.43 -5.44 11.72
CA GLN A 106 -40.03 -4.14 11.79
C GLN A 106 -39.00 -3.05 11.54
N GLY A 107 -39.41 -1.95 10.98
CA GLY A 107 -38.47 -0.83 10.79
C GLY A 107 -39.29 0.37 10.40
N GLN A 108 -38.81 1.58 10.67
CA GLN A 108 -39.57 2.75 10.20
C GLN A 108 -38.56 3.83 9.89
N VAL A 109 -38.71 4.60 8.84
CA VAL A 109 -37.71 5.65 8.58
C VAL A 109 -38.46 6.95 8.34
N SER A 110 -38.07 8.01 8.99
CA SER A 110 -38.75 9.29 8.72
C SER A 110 -38.39 9.70 7.31
N LEU A 111 -39.19 10.47 6.60
CA LEU A 111 -38.93 10.90 5.21
C LEU A 111 -38.99 12.41 5.09
N PRO A 112 -38.20 13.02 4.21
CA PRO A 112 -38.17 14.47 3.95
C PRO A 112 -39.37 14.77 3.06
N GLY A 113 -40.26 15.71 3.30
CA GLY A 113 -41.47 16.02 2.55
C GLY A 113 -41.56 16.86 1.29
N GLY A 114 -42.63 16.68 0.48
CA GLY A 114 -42.80 17.46 -0.74
C GLY A 114 -44.13 17.40 -1.48
N CYS A 115 -44.34 18.46 -2.29
CA CYS A 115 -45.53 18.65 -3.11
C CYS A 115 -45.51 17.76 -4.37
N ALA A 116 -44.31 17.35 -4.81
CA ALA A 116 -44.09 16.50 -5.98
C ALA A 116 -44.22 15.02 -5.64
N ILE A 117 -45.11 14.38 -6.42
CA ILE A 117 -45.47 13.00 -6.20
C ILE A 117 -45.26 12.21 -7.48
N GLY A 118 -44.87 10.97 -7.31
CA GLY A 118 -44.61 10.06 -8.41
C GLY A 118 -43.10 9.99 -8.65
N ALA A 119 -42.62 8.75 -8.68
CA ALA A 119 -41.24 8.32 -8.85
C ALA A 119 -40.27 9.14 -7.97
N ARG A 120 -40.72 9.35 -6.68
CA ARG A 120 -39.90 10.05 -5.69
C ARG A 120 -38.82 9.01 -5.39
N PRO A 121 -37.67 9.50 -5.01
CA PRO A 121 -36.56 8.58 -4.73
C PRO A 121 -36.91 7.37 -3.89
N VAL A 122 -37.63 7.40 -2.76
CA VAL A 122 -37.93 6.22 -1.97
C VAL A 122 -38.97 5.24 -2.50
N ASP A 123 -39.77 5.63 -3.44
CA ASP A 123 -40.81 4.76 -3.99
C ASP A 123 -40.31 3.44 -4.43
N LEU A 124 -39.18 3.25 -5.13
CA LEU A 124 -38.78 1.88 -5.52
C LEU A 124 -38.32 0.98 -4.35
N HIS A 125 -37.79 1.52 -3.30
CA HIS A 125 -37.38 0.83 -2.09
C HIS A 125 -38.64 0.29 -1.41
N ILE A 126 -39.68 1.09 -1.24
CA ILE A 126 -40.98 0.72 -0.63
C ILE A 126 -41.58 -0.47 -1.35
N PHE A 127 -41.74 -0.37 -2.70
CA PHE A 127 -42.27 -1.43 -3.55
C PHE A 127 -41.33 -2.63 -3.66
N GLY A 128 -40.00 -2.44 -3.54
CA GLY A 128 -39.07 -3.58 -3.56
C GLY A 128 -39.32 -4.32 -2.22
N LEU A 129 -39.38 -3.62 -1.11
CA LEU A 129 -39.67 -4.28 0.19
C LEU A 129 -41.05 -4.93 0.18
N GLU A 130 -42.05 -4.24 -0.38
CA GLU A 130 -43.36 -4.82 -0.50
C GLU A 130 -43.36 -6.10 -1.32
N LYS A 131 -42.56 -6.15 -2.41
CA LYS A 131 -42.42 -7.34 -3.27
C LYS A 131 -41.88 -8.59 -2.59
N LEU A 132 -41.00 -8.32 -1.62
CA LEU A 132 -40.37 -9.28 -0.76
C LEU A 132 -41.27 -9.66 0.42
N GLY A 133 -42.55 -9.29 0.44
CA GLY A 133 -43.38 -9.73 1.56
C GLY A 133 -43.58 -8.75 2.68
N ALA A 134 -43.01 -7.56 2.68
CA ALA A 134 -43.20 -6.60 3.70
C ALA A 134 -44.57 -5.93 3.51
N GLU A 135 -45.14 -5.60 4.71
CA GLU A 135 -46.40 -4.86 4.77
C GLU A 135 -45.91 -3.43 4.97
N ILE A 136 -46.32 -2.50 4.09
CA ILE A 136 -45.89 -1.10 4.12
C ILE A 136 -47.00 -0.18 4.65
N LYS A 137 -46.58 0.75 5.48
CA LYS A 137 -47.52 1.67 6.03
C LYS A 137 -46.91 3.05 5.79
N LEU A 138 -47.74 3.89 5.19
CA LEU A 138 -47.31 5.22 4.88
C LEU A 138 -48.23 6.29 5.39
N GLU A 139 -47.61 7.31 5.91
CA GLU A 139 -48.36 8.49 6.27
C GLU A 139 -47.39 9.62 5.89
N GLU A 140 -47.83 10.80 5.46
CA GLU A 140 -46.82 11.80 5.13
C GLU A 140 -45.80 11.97 6.26
N GLY A 141 -44.58 11.91 5.72
CA GLY A 141 -43.36 12.01 6.48
C GLY A 141 -42.71 10.70 6.90
N TYR A 142 -43.24 9.49 6.82
CA TYR A 142 -42.56 8.29 7.25
C TYR A 142 -43.07 7.13 6.42
N VAL A 143 -42.29 6.07 6.50
CA VAL A 143 -42.54 4.81 5.89
C VAL A 143 -42.26 3.80 7.01
N LYS A 144 -43.26 2.98 7.23
CA LYS A 144 -43.14 1.96 8.25
C LYS A 144 -43.19 0.61 7.57
N ALA A 145 -42.37 -0.39 7.82
CA ALA A 145 -42.47 -1.66 7.13
C ALA A 145 -42.42 -2.74 8.23
N SER A 146 -43.11 -3.85 8.04
CA SER A 146 -43.00 -4.92 9.03
C SER A 146 -43.27 -6.20 8.29
N VAL A 147 -42.92 -7.35 8.82
CA VAL A 147 -43.23 -8.55 8.04
C VAL A 147 -43.59 -9.55 9.15
N ASN A 148 -44.52 -10.37 8.76
CA ASN A 148 -44.96 -11.45 9.61
C ASN A 148 -43.99 -12.59 9.38
N GLY A 149 -42.98 -12.85 10.18
CA GLY A 149 -42.06 -13.93 10.01
C GLY A 149 -40.87 -13.40 9.17
N ARG A 150 -40.48 -14.14 8.13
CA ARG A 150 -39.39 -13.70 7.26
C ARG A 150 -39.85 -13.09 5.94
N LEU A 151 -38.92 -12.26 5.41
CA LEU A 151 -39.26 -11.71 4.07
C LEU A 151 -39.26 -12.97 3.21
N LYS A 152 -39.84 -12.93 2.03
CA LYS A 152 -39.88 -14.11 1.15
C LYS A 152 -39.21 -13.75 -0.23
N GLY A 153 -38.26 -14.53 -0.66
CA GLY A 153 -37.53 -14.28 -1.91
C GLY A 153 -38.56 -14.04 -3.00
N ALA A 154 -38.32 -13.01 -3.84
CA ALA A 154 -39.20 -12.67 -4.94
C ALA A 154 -38.41 -12.41 -6.24
N HIS A 155 -39.02 -12.55 -7.39
CA HIS A 155 -38.44 -12.25 -8.70
C HIS A 155 -38.90 -10.84 -9.00
N ILE A 156 -38.02 -9.88 -8.83
CA ILE A 156 -38.34 -8.46 -9.04
C ILE A 156 -37.82 -7.89 -10.34
N VAL A 157 -38.69 -7.26 -11.12
CA VAL A 157 -38.33 -6.66 -12.38
C VAL A 157 -38.28 -5.17 -12.13
N MET A 158 -37.08 -4.56 -12.21
CA MET A 158 -36.96 -3.17 -11.98
C MET A 158 -37.30 -2.47 -13.31
N ASP A 159 -38.26 -1.59 -13.36
CA ASP A 159 -38.57 -0.89 -14.62
C ASP A 159 -37.57 0.21 -14.96
N LYS A 160 -36.84 0.72 -14.01
CA LYS A 160 -35.83 1.72 -13.95
C LYS A 160 -34.68 1.16 -13.07
N VAL A 161 -33.50 1.49 -13.55
CA VAL A 161 -32.30 1.11 -12.89
C VAL A 161 -32.16 2.08 -11.71
N SER A 162 -32.01 1.47 -10.53
CA SER A 162 -31.87 2.27 -9.33
C SER A 162 -30.81 1.61 -8.46
N VAL A 163 -29.78 2.39 -8.13
CA VAL A 163 -28.68 1.93 -7.27
C VAL A 163 -29.28 1.75 -5.83
N GLY A 164 -29.99 2.76 -5.38
CA GLY A 164 -30.68 2.90 -4.15
C GLY A 164 -31.51 1.64 -3.94
N ALA A 165 -32.49 1.43 -4.79
CA ALA A 165 -33.39 0.32 -4.70
C ALA A 165 -32.73 -1.00 -4.87
N THR A 166 -31.69 -1.10 -5.71
CA THR A 166 -31.02 -2.35 -5.93
C THR A 166 -30.38 -2.73 -4.61
N VAL A 167 -29.80 -1.79 -3.90
CA VAL A 167 -29.16 -2.07 -2.63
C VAL A 167 -30.21 -2.47 -1.59
N THR A 168 -31.30 -1.71 -1.52
CA THR A 168 -32.29 -2.06 -0.53
C THR A 168 -32.80 -3.48 -0.75
N ILE A 169 -33.26 -3.81 -1.92
CA ILE A 169 -33.79 -5.13 -2.20
C ILE A 169 -32.77 -6.22 -2.02
N MET A 170 -31.52 -6.04 -2.49
CA MET A 170 -30.49 -7.05 -2.40
C MET A 170 -30.12 -7.38 -0.95
N SER A 171 -29.89 -6.30 -0.24
CA SER A 171 -29.53 -6.41 1.18
C SER A 171 -30.65 -7.06 2.01
N ALA A 172 -31.93 -6.66 1.87
CA ALA A 172 -33.02 -7.28 2.56
C ALA A 172 -33.20 -8.73 2.16
N ALA A 173 -32.98 -9.10 0.89
CA ALA A 173 -33.09 -10.44 0.36
C ALA A 173 -32.10 -11.44 0.95
N THR A 174 -31.01 -11.06 1.58
CA THR A 174 -30.05 -11.96 2.17
C THR A 174 -30.64 -12.81 3.34
N LEU A 175 -31.66 -12.27 4.06
CA LEU A 175 -32.27 -12.99 5.17
C LEU A 175 -33.68 -13.41 4.82
N ALA A 176 -34.04 -13.29 3.54
CA ALA A 176 -35.37 -13.64 3.15
C ALA A 176 -35.34 -15.14 2.95
N GLU A 177 -36.53 -15.67 2.93
CA GLU A 177 -36.71 -17.09 2.75
C GLU A 177 -36.72 -17.37 1.25
N GLY A 178 -35.66 -18.08 0.82
CA GLY A 178 -35.55 -18.41 -0.58
C GLY A 178 -34.72 -17.42 -1.37
N THR A 179 -34.97 -17.53 -2.67
CA THR A 179 -34.28 -16.79 -3.69
C THR A 179 -34.96 -15.58 -4.25
N THR A 180 -34.18 -14.54 -4.29
CA THR A 180 -34.66 -13.29 -4.89
C THR A 180 -33.85 -13.06 -6.18
N ILE A 181 -34.52 -12.67 -7.24
CA ILE A 181 -33.81 -12.37 -8.49
C ILE A 181 -34.25 -10.96 -8.86
N ILE A 182 -33.22 -10.15 -9.00
CA ILE A 182 -33.47 -8.74 -9.35
C ILE A 182 -33.14 -8.55 -10.88
N GLU A 183 -34.11 -8.17 -11.68
CA GLU A 183 -33.90 -7.92 -13.11
C GLU A 183 -33.70 -6.42 -13.26
N ASN A 184 -32.73 -6.08 -14.13
CA ASN A 184 -32.44 -4.68 -14.42
C ASN A 184 -31.86 -3.88 -13.27
N ALA A 185 -31.02 -4.69 -12.59
CA ALA A 185 -30.29 -4.30 -11.42
C ALA A 185 -29.23 -3.28 -11.79
N ALA A 186 -28.96 -2.36 -10.87
CA ALA A 186 -27.91 -1.40 -11.11
C ALA A 186 -26.61 -2.20 -11.04
N ARG A 187 -25.64 -1.82 -11.92
CA ARG A 187 -24.34 -2.45 -12.03
C ARG A 187 -23.15 -1.72 -11.46
N GLU A 188 -23.34 -0.57 -10.84
CA GLU A 188 -22.34 0.27 -10.30
C GLU A 188 -21.37 -0.51 -9.47
N PRO A 189 -20.10 -0.09 -9.46
CA PRO A 189 -19.09 -0.77 -8.66
C PRO A 189 -19.52 -0.74 -7.17
N GLU A 190 -20.22 0.26 -6.65
CA GLU A 190 -20.70 0.41 -5.28
C GLU A 190 -21.73 -0.71 -5.00
N ILE A 191 -22.48 -1.19 -5.97
CA ILE A 191 -23.41 -2.28 -5.94
C ILE A 191 -22.57 -3.56 -5.74
N VAL A 192 -21.51 -3.77 -6.55
CA VAL A 192 -20.66 -4.96 -6.40
C VAL A 192 -20.02 -4.99 -5.03
N ASP A 193 -19.50 -3.84 -4.54
CA ASP A 193 -18.84 -3.80 -3.25
C ASP A 193 -19.81 -4.21 -2.10
N THR A 194 -21.02 -3.64 -2.14
CA THR A 194 -22.07 -3.90 -1.13
C THR A 194 -22.38 -5.37 -1.22
N ALA A 195 -22.53 -6.03 -2.35
CA ALA A 195 -22.78 -7.42 -2.58
C ALA A 195 -21.60 -8.22 -2.02
N ASN A 196 -20.37 -7.81 -2.24
CA ASN A 196 -19.23 -8.57 -1.69
C ASN A 196 -19.13 -8.48 -0.17
N PHE A 197 -19.42 -7.31 0.40
CA PHE A 197 -19.46 -7.15 1.85
C PHE A 197 -20.53 -8.10 2.40
N LEU A 198 -21.73 -8.12 1.85
CA LEU A 198 -22.80 -9.02 2.26
C LEU A 198 -22.30 -10.46 2.17
N VAL A 199 -21.63 -10.88 1.11
CA VAL A 199 -21.08 -12.22 0.92
C VAL A 199 -20.07 -12.49 2.03
N ALA A 200 -19.24 -11.55 2.41
CA ALA A 200 -18.25 -11.60 3.43
C ALA A 200 -18.88 -11.99 4.79
N LEU A 201 -20.09 -11.54 5.04
CA LEU A 201 -20.85 -11.83 6.21
C LEU A 201 -21.57 -13.15 6.04
N GLY A 202 -21.65 -13.89 4.96
CA GLY A 202 -22.40 -15.12 4.91
C GLY A 202 -23.56 -15.14 3.93
N ALA A 203 -23.85 -14.01 3.26
CA ALA A 203 -24.90 -14.00 2.26
C ALA A 203 -24.55 -14.81 1.02
N LYS A 204 -25.53 -15.24 0.23
CA LYS A 204 -25.38 -15.95 -0.99
C LYS A 204 -25.89 -15.04 -2.11
N ILE A 205 -25.01 -14.32 -2.80
CA ILE A 205 -25.37 -13.36 -3.85
C ILE A 205 -24.46 -13.58 -5.05
N SER A 206 -25.05 -13.50 -6.24
CA SER A 206 -24.29 -13.65 -7.49
C SER A 206 -24.90 -12.76 -8.59
N GLY A 207 -24.06 -12.35 -9.55
CA GLY A 207 -24.49 -11.54 -10.68
C GLY A 207 -24.25 -10.10 -10.31
N GLN A 208 -23.72 -9.76 -9.15
CA GLN A 208 -23.49 -8.38 -8.79
C GLN A 208 -22.51 -7.86 -9.86
N GLY A 209 -22.84 -6.68 -10.39
CA GLY A 209 -21.99 -6.13 -11.48
C GLY A 209 -22.61 -6.36 -12.84
N THR A 210 -23.57 -7.24 -13.01
CA THR A 210 -24.37 -7.60 -14.12
C THR A 210 -25.77 -7.04 -13.90
N ASP A 211 -26.62 -7.14 -14.89
CA ASP A 211 -27.99 -6.65 -14.78
C ASP A 211 -28.95 -7.60 -14.08
N ARG A 212 -28.51 -8.75 -13.54
CA ARG A 212 -29.40 -9.70 -12.88
C ARG A 212 -28.67 -10.20 -11.65
N ILE A 213 -29.19 -9.87 -10.46
CA ILE A 213 -28.59 -10.29 -9.23
C ILE A 213 -29.48 -11.39 -8.66
N THR A 214 -28.81 -12.42 -8.20
CA THR A 214 -29.50 -13.55 -7.58
C THR A 214 -29.00 -13.62 -6.15
N ILE A 215 -29.98 -13.68 -5.22
CA ILE A 215 -29.75 -13.73 -3.77
C ILE A 215 -30.55 -14.97 -3.24
N GLU A 216 -29.87 -15.84 -2.52
CA GLU A 216 -30.39 -17.04 -1.89
C GLU A 216 -30.38 -16.68 -0.41
N GLY A 217 -31.55 -16.49 0.16
CA GLY A 217 -31.62 -16.06 1.57
C GLY A 217 -31.00 -17.15 2.45
N VAL A 218 -30.44 -16.67 3.55
CA VAL A 218 -29.78 -17.47 4.57
C VAL A 218 -30.44 -17.09 5.92
N GLU A 219 -30.12 -17.77 7.02
CA GLU A 219 -30.75 -17.48 8.30
C GLU A 219 -30.24 -16.27 9.04
N ARG A 220 -28.94 -16.05 9.08
CA ARG A 220 -28.45 -14.89 9.77
C ARG A 220 -27.09 -14.62 9.12
N LEU A 221 -26.66 -13.43 9.38
CA LEU A 221 -25.38 -12.98 8.87
C LEU A 221 -24.51 -12.79 10.12
N GLY A 222 -23.25 -13.13 10.00
CA GLY A 222 -22.20 -13.04 10.94
C GLY A 222 -21.50 -11.72 11.02
N GLY A 223 -20.17 -11.70 10.97
CA GLY A 223 -19.40 -10.48 11.10
C GLY A 223 -18.13 -10.59 10.26
N GLY A 224 -17.18 -9.69 10.45
CA GLY A 224 -16.00 -9.87 9.60
C GLY A 224 -15.34 -8.53 9.41
N VAL A 225 -14.38 -8.59 8.48
CA VAL A 225 -13.58 -7.41 8.12
C VAL A 225 -13.79 -7.15 6.61
N TYR A 226 -14.03 -5.89 6.25
CA TYR A 226 -14.26 -5.63 4.83
C TYR A 226 -13.75 -4.26 4.47
N ARG A 227 -13.00 -4.21 3.36
CA ARG A 227 -12.46 -2.91 2.94
C ARG A 227 -13.28 -2.28 1.82
N VAL A 228 -13.77 -1.06 2.06
CA VAL A 228 -14.60 -0.37 1.05
C VAL A 228 -13.68 -0.07 -0.17
N LEU A 229 -14.21 -0.22 -1.36
CA LEU A 229 -13.45 0.05 -2.58
C LEU A 229 -13.11 1.53 -2.69
N PRO A 230 -12.10 1.81 -3.53
CA PRO A 230 -11.68 3.17 -3.74
C PRO A 230 -12.78 4.01 -4.40
N ASP A 231 -12.76 5.31 -4.20
CA ASP A 231 -13.74 6.21 -4.82
C ASP A 231 -13.27 6.43 -6.28
N ARG A 232 -13.93 5.85 -7.26
CA ARG A 232 -13.61 5.94 -8.66
C ARG A 232 -13.82 7.35 -9.23
N ILE A 233 -14.74 8.15 -8.64
CA ILE A 233 -14.98 9.47 -9.13
C ILE A 233 -13.91 10.43 -8.60
N GLU A 234 -13.50 10.25 -7.37
CA GLU A 234 -12.45 11.08 -6.83
C GLU A 234 -11.22 10.68 -7.67
N THR A 235 -10.97 9.44 -7.97
CA THR A 235 -9.83 9.04 -8.76
C THR A 235 -9.93 9.79 -10.12
N GLY A 236 -11.04 9.69 -10.82
CA GLY A 236 -11.17 10.40 -12.08
C GLY A 236 -10.86 11.87 -11.91
N THR A 237 -11.30 12.56 -10.90
CA THR A 237 -11.13 13.96 -10.64
C THR A 237 -9.64 14.27 -10.62
N PHE A 238 -8.86 13.46 -9.94
CA PHE A 238 -7.43 13.69 -9.82
C PHE A 238 -6.67 13.47 -11.14
N LEU A 239 -7.11 12.43 -11.83
CA LEU A 239 -6.60 12.06 -13.16
C LEU A 239 -6.94 13.24 -14.05
N VAL A 240 -8.10 13.89 -14.09
CA VAL A 240 -8.35 15.07 -14.90
C VAL A 240 -7.50 16.26 -14.46
N ALA A 241 -7.23 16.44 -13.16
CA ALA A 241 -6.41 17.56 -12.72
C ALA A 241 -4.99 17.49 -13.34
N ALA A 242 -4.38 16.32 -13.39
CA ALA A 242 -3.07 16.18 -13.97
C ALA A 242 -3.35 16.24 -15.47
N ALA A 243 -4.36 15.63 -16.03
CA ALA A 243 -4.54 15.77 -17.48
C ALA A 243 -4.79 17.16 -18.02
N ILE A 244 -5.39 18.12 -17.31
CA ILE A 244 -5.68 19.44 -17.78
C ILE A 244 -4.57 20.45 -17.44
N SER A 245 -3.53 20.08 -16.71
CA SER A 245 -2.45 20.92 -16.30
C SER A 245 -1.12 20.47 -16.85
N GLY A 246 -0.96 19.62 -17.85
CA GLY A 246 0.27 19.14 -18.39
C GLY A 246 1.02 18.28 -17.41
N GLY A 247 0.35 17.94 -16.31
CA GLY A 247 0.77 17.16 -15.20
C GLY A 247 1.10 15.70 -15.34
N LYS A 248 1.50 15.09 -14.26
CA LYS A 248 1.88 13.71 -14.13
C LYS A 248 1.51 13.28 -12.71
N ILE A 249 0.66 12.28 -12.57
CA ILE A 249 0.26 11.87 -11.23
C ILE A 249 0.19 10.37 -11.21
N VAL A 250 0.17 9.98 -9.94
CA VAL A 250 0.03 8.60 -9.47
C VAL A 250 -1.08 8.66 -8.36
N CYS A 251 -2.15 7.96 -8.64
CA CYS A 251 -3.32 7.73 -7.86
C CYS A 251 -3.09 6.36 -7.17
N ARG A 252 -2.82 6.43 -5.86
CA ARG A 252 -2.59 5.28 -5.00
C ARG A 252 -3.90 4.82 -4.36
N ASN A 253 -4.05 3.55 -4.11
CA ASN A 253 -5.24 2.92 -3.52
C ASN A 253 -6.40 3.09 -4.52
N ALA A 254 -6.11 2.81 -5.79
CA ALA A 254 -7.08 2.98 -6.82
C ALA A 254 -7.52 1.60 -7.22
N GLN A 255 -8.60 1.57 -8.02
CA GLN A 255 -9.09 0.28 -8.50
C GLN A 255 -9.35 0.54 -9.99
N PRO A 256 -8.34 0.36 -10.81
CA PRO A 256 -8.41 0.55 -12.25
C PRO A 256 -9.62 -0.03 -12.97
N ASP A 257 -10.08 -1.27 -12.79
CA ASP A 257 -11.25 -1.78 -13.47
C ASP A 257 -12.58 -1.10 -13.14
N THR A 258 -12.69 -0.07 -12.36
CA THR A 258 -13.92 0.59 -12.08
C THR A 258 -13.97 1.80 -12.99
N LEU A 259 -12.91 2.08 -13.74
CA LEU A 259 -12.77 3.24 -14.60
C LEU A 259 -12.34 3.04 -16.07
N ASP A 260 -12.58 1.88 -16.58
CA ASP A 260 -12.25 1.64 -17.95
C ASP A 260 -12.65 2.74 -18.93
N ALA A 261 -13.88 3.21 -18.90
CA ALA A 261 -14.35 4.24 -19.81
C ALA A 261 -13.63 5.52 -19.47
N VAL A 262 -13.48 5.84 -18.19
CA VAL A 262 -12.75 7.08 -17.94
C VAL A 262 -11.33 7.05 -18.46
N LEU A 263 -10.61 5.98 -18.23
CA LEU A 263 -9.20 5.93 -18.67
C LEU A 263 -9.06 6.00 -20.19
N ALA A 264 -9.97 5.29 -20.87
CA ALA A 264 -10.04 5.25 -22.34
C ALA A 264 -10.26 6.67 -22.86
N LYS A 265 -11.09 7.49 -22.26
CA LYS A 265 -11.33 8.84 -22.65
C LYS A 265 -10.09 9.67 -22.38
N LEU A 266 -9.38 9.38 -21.29
CA LEU A 266 -8.16 10.15 -21.01
C LEU A 266 -7.05 9.86 -22.04
N ARG A 267 -6.94 8.62 -22.43
CA ARG A 267 -5.98 8.17 -23.44
C ARG A 267 -6.34 8.86 -24.79
N GLU A 268 -7.60 9.08 -25.14
CA GLU A 268 -8.05 9.77 -26.33
C GLU A 268 -7.65 11.24 -26.22
N ALA A 269 -7.51 11.79 -24.99
CA ALA A 269 -7.15 13.15 -24.72
C ALA A 269 -5.61 13.29 -24.83
N GLY A 270 -4.86 12.24 -25.12
CA GLY A 270 -3.42 12.40 -25.19
C GLY A 270 -2.70 11.93 -23.94
N ALA A 271 -3.42 11.43 -22.90
CA ALA A 271 -2.75 10.94 -21.72
C ALA A 271 -2.06 9.63 -21.84
N ASP A 272 -0.87 9.64 -21.17
CA ASP A 272 -0.03 8.46 -21.06
C ASP A 272 -0.37 7.81 -19.69
N ILE A 273 -1.10 6.73 -19.77
CA ILE A 273 -1.63 6.02 -18.64
C ILE A 273 -1.14 4.60 -18.45
N GLU A 274 -0.75 4.28 -17.20
CA GLU A 274 -0.35 2.92 -16.88
C GLU A 274 -1.17 2.65 -15.61
N THR A 275 -1.51 1.43 -15.32
CA THR A 275 -2.26 1.07 -14.13
C THR A 275 -1.67 -0.18 -13.50
N GLY A 276 -1.87 -0.35 -12.20
CA GLY A 276 -1.38 -1.52 -11.46
C GLY A 276 -2.58 -2.25 -10.86
N GLU A 277 -2.39 -3.05 -9.79
CA GLU A 277 -3.65 -3.70 -9.29
C GLU A 277 -4.40 -2.65 -8.46
N ASP A 278 -3.62 -1.74 -7.88
CA ASP A 278 -4.11 -0.68 -7.05
C ASP A 278 -3.60 0.69 -7.38
N TRP A 279 -3.22 0.91 -8.65
CA TRP A 279 -2.75 2.28 -8.89
C TRP A 279 -2.92 2.56 -10.38
N ILE A 280 -2.95 3.83 -10.67
CA ILE A 280 -3.09 4.43 -11.98
C ILE A 280 -2.14 5.60 -12.11
N SER A 281 -1.30 5.62 -13.17
CA SER A 281 -0.48 6.82 -13.28
C SER A 281 -0.92 7.48 -14.59
N LEU A 282 -0.75 8.75 -14.64
CA LEU A 282 -1.11 9.51 -15.83
C LEU A 282 -0.03 10.57 -16.06
N ASP A 283 0.42 10.63 -17.33
CA ASP A 283 1.40 11.63 -17.72
C ASP A 283 1.01 12.34 -19.02
N MET A 284 0.86 13.66 -19.00
CA MET A 284 0.53 14.35 -20.25
C MET A 284 1.82 14.72 -21.01
N HIS A 285 2.94 14.55 -20.33
CA HIS A 285 4.28 14.83 -20.78
C HIS A 285 4.25 16.31 -21.15
N GLY A 286 3.68 17.12 -20.29
CA GLY A 286 3.58 18.53 -20.58
C GLY A 286 2.70 18.96 -21.74
N LYS A 287 1.96 18.10 -22.38
CA LYS A 287 1.11 18.51 -23.48
C LYS A 287 -0.29 18.91 -23.01
N ARG A 288 -0.95 19.71 -23.84
CA ARG A 288 -2.33 20.21 -23.66
C ARG A 288 -3.20 18.99 -24.03
N PRO A 289 -4.35 18.84 -23.40
CA PRO A 289 -5.13 17.68 -23.74
C PRO A 289 -5.68 17.88 -25.14
N LYS A 290 -5.98 16.77 -25.77
CA LYS A 290 -6.60 16.82 -27.09
C LYS A 290 -8.11 16.71 -26.80
N ALA A 291 -8.98 17.47 -27.47
CA ALA A 291 -10.43 17.36 -27.21
C ALA A 291 -11.00 15.96 -27.50
N VAL A 292 -12.07 15.61 -26.73
CA VAL A 292 -12.69 14.30 -26.82
C VAL A 292 -14.20 14.46 -26.96
N THR A 293 -14.78 13.39 -27.43
CA THR A 293 -16.23 13.31 -27.57
C THR A 293 -16.68 12.39 -26.42
N VAL A 294 -17.61 12.84 -25.60
CA VAL A 294 -18.08 12.02 -24.50
C VAL A 294 -19.59 11.89 -24.47
N ARG A 295 -20.08 10.70 -24.17
CA ARG A 295 -21.48 10.38 -24.00
C ARG A 295 -21.61 9.68 -22.62
N THR A 296 -22.31 10.32 -21.70
CA THR A 296 -22.47 9.71 -20.40
C THR A 296 -23.52 8.63 -20.63
N ALA A 297 -23.35 7.57 -19.87
CA ALA A 297 -24.24 6.41 -19.90
C ALA A 297 -24.08 5.61 -18.61
N PRO A 298 -24.99 4.70 -18.33
CA PRO A 298 -24.96 3.94 -17.11
C PRO A 298 -23.72 3.09 -16.99
N HIS A 299 -23.29 2.85 -15.76
CA HIS A 299 -22.08 2.02 -15.58
C HIS A 299 -22.32 0.69 -16.24
N PRO A 300 -21.33 0.18 -16.98
CA PRO A 300 -20.02 0.71 -17.14
C PRO A 300 -19.48 1.66 -18.15
N ALA A 301 -20.35 2.42 -18.72
CA ALA A 301 -20.08 3.46 -19.71
C ALA A 301 -19.52 4.61 -18.88
N PHE A 302 -19.24 5.66 -19.56
CA PHE A 302 -18.67 6.88 -19.01
C PHE A 302 -19.68 7.38 -17.97
N PRO A 303 -19.21 7.68 -16.78
CA PRO A 303 -20.08 8.15 -15.74
C PRO A 303 -20.46 9.60 -15.76
N THR A 304 -21.74 9.85 -15.48
CA THR A 304 -22.20 11.23 -15.37
C THR A 304 -21.47 11.98 -14.30
N ASP A 305 -20.95 11.36 -13.23
CA ASP A 305 -20.22 12.11 -12.20
C ASP A 305 -18.83 12.59 -12.62
N MET A 306 -18.39 12.19 -13.81
CA MET A 306 -17.12 12.62 -14.43
C MET A 306 -17.38 13.65 -15.56
N GLN A 307 -18.61 13.92 -15.95
CA GLN A 307 -19.01 14.84 -17.00
C GLN A 307 -18.55 16.27 -16.81
N ALA A 308 -18.69 16.90 -15.63
CA ALA A 308 -18.27 18.28 -15.48
C ALA A 308 -16.76 18.39 -15.61
N GLN A 309 -16.03 17.40 -15.16
CA GLN A 309 -14.58 17.31 -15.12
C GLN A 309 -14.05 17.19 -16.56
N PHE A 310 -14.71 16.39 -17.40
CA PHE A 310 -14.37 16.22 -18.79
C PHE A 310 -14.80 17.44 -19.61
N THR A 311 -15.75 18.26 -19.21
CA THR A 311 -16.22 19.48 -19.81
C THR A 311 -15.07 20.48 -19.74
N LEU A 312 -14.52 20.56 -18.53
CA LEU A 312 -13.36 21.39 -18.22
C LEU A 312 -12.17 20.95 -19.09
N LEU A 313 -11.85 19.70 -19.27
CA LEU A 313 -10.80 19.18 -20.07
C LEU A 313 -11.04 19.62 -21.52
N ASN A 314 -12.23 19.39 -22.11
CA ASN A 314 -12.41 19.87 -23.47
C ASN A 314 -12.19 21.36 -23.68
N LEU A 315 -12.66 22.12 -22.71
CA LEU A 315 -12.61 23.56 -22.61
C LEU A 315 -11.24 24.17 -22.56
N VAL A 316 -10.20 23.41 -22.32
CA VAL A 316 -8.80 23.80 -22.33
C VAL A 316 -8.04 22.84 -23.26
N ALA A 317 -8.79 22.02 -24.00
CA ALA A 317 -8.09 21.07 -24.87
C ALA A 317 -7.79 21.73 -26.23
N GLU A 318 -7.10 21.00 -27.07
CA GLU A 318 -6.82 21.50 -28.42
C GLU A 318 -7.95 20.96 -29.27
N GLY A 319 -8.73 21.84 -29.88
CA GLY A 319 -9.82 21.26 -30.70
C GLY A 319 -11.22 21.45 -30.05
N THR A 320 -12.19 20.93 -30.82
CA THR A 320 -13.59 20.98 -30.49
C THR A 320 -14.02 19.61 -30.02
N GLY A 321 -14.67 19.67 -28.86
CA GLY A 321 -15.17 18.51 -28.17
C GLY A 321 -16.66 18.69 -27.80
N VAL A 322 -17.41 17.59 -27.79
CA VAL A 322 -18.81 17.62 -27.42
C VAL A 322 -19.04 16.74 -26.18
N ILE A 323 -19.81 17.20 -25.21
CA ILE A 323 -20.09 16.34 -24.03
C ILE A 323 -21.62 16.16 -24.13
N THR A 324 -22.06 14.94 -24.13
CA THR A 324 -23.49 14.67 -24.19
C THR A 324 -23.85 14.02 -22.85
N GLU A 325 -24.86 14.61 -22.25
CA GLU A 325 -25.28 14.10 -20.94
C GLU A 325 -26.53 13.27 -21.13
N THR A 326 -26.53 11.95 -20.99
CA THR A 326 -27.80 11.22 -21.17
C THR A 326 -28.49 10.82 -19.87
N ILE A 327 -27.78 10.91 -18.73
CA ILE A 327 -28.33 10.50 -17.46
C ILE A 327 -29.22 11.54 -16.81
N PHE A 328 -28.63 12.69 -16.60
CA PHE A 328 -29.18 13.83 -15.99
C PHE A 328 -29.51 14.99 -16.93
N GLU A 329 -30.72 15.46 -16.73
CA GLU A 329 -31.03 16.65 -17.51
C GLU A 329 -30.55 17.70 -16.48
N ASN A 330 -30.20 18.82 -17.12
CA ASN A 330 -29.76 19.98 -16.39
C ASN A 330 -28.42 19.88 -15.69
N ARG A 331 -27.46 19.05 -16.04
CA ARG A 331 -26.21 18.98 -15.28
C ARG A 331 -25.07 19.72 -15.99
N PHE A 332 -25.35 20.97 -16.38
CA PHE A 332 -24.40 21.78 -17.12
C PHE A 332 -24.18 23.11 -16.47
N MET A 333 -24.55 23.27 -15.19
CA MET A 333 -24.32 24.55 -14.50
C MET A 333 -22.87 24.95 -14.36
N HIS A 334 -21.88 24.08 -14.50
CA HIS A 334 -20.48 24.49 -14.46
C HIS A 334 -20.10 25.34 -15.70
N VAL A 335 -20.79 25.16 -16.82
CA VAL A 335 -20.61 25.78 -18.14
C VAL A 335 -20.62 27.31 -18.09
N PRO A 336 -21.68 27.95 -17.65
CA PRO A 336 -21.73 29.38 -17.54
C PRO A 336 -20.60 29.87 -16.68
N GLU A 337 -20.16 29.17 -15.64
CA GLU A 337 -19.07 29.56 -14.78
C GLU A 337 -17.75 29.50 -15.50
N LEU A 338 -17.56 28.44 -16.27
CA LEU A 338 -16.35 28.27 -17.06
C LEU A 338 -16.39 29.28 -18.19
N ILE A 339 -17.50 29.65 -18.77
CA ILE A 339 -17.58 30.66 -19.84
C ILE A 339 -17.08 31.96 -19.22
N ARG A 340 -17.36 32.21 -17.97
CA ARG A 340 -16.93 33.36 -17.22
C ARG A 340 -15.43 33.24 -16.97
N MET A 341 -14.85 32.04 -16.92
CA MET A 341 -13.39 31.94 -16.75
C MET A 341 -12.61 32.02 -18.07
N GLY A 342 -13.27 32.31 -19.21
CA GLY A 342 -12.79 32.45 -20.54
C GLY A 342 -13.05 31.28 -21.46
N ALA A 343 -14.01 30.42 -21.14
CA ALA A 343 -14.20 29.30 -22.04
C ALA A 343 -15.19 29.64 -23.13
N HIS A 344 -15.05 28.84 -24.17
CA HIS A 344 -15.82 28.83 -25.39
C HIS A 344 -16.61 27.54 -25.61
N ALA A 345 -17.90 27.78 -25.33
CA ALA A 345 -18.78 26.66 -25.48
C ALA A 345 -20.20 26.98 -25.86
N GLU A 346 -20.76 25.98 -26.53
CA GLU A 346 -22.17 26.13 -26.83
C GLU A 346 -22.95 24.93 -26.24
N ILE A 347 -24.01 25.27 -25.51
CA ILE A 347 -24.90 24.28 -24.97
C ILE A 347 -26.07 24.16 -25.99
N GLU A 348 -26.23 22.96 -26.49
CA GLU A 348 -27.33 22.74 -27.41
C GLU A 348 -28.11 21.64 -26.67
N SER A 349 -29.23 21.95 -25.99
CA SER A 349 -29.97 20.87 -25.30
C SER A 349 -29.12 20.22 -24.22
N ASN A 350 -29.07 18.89 -24.14
CA ASN A 350 -28.31 18.04 -23.23
C ASN A 350 -26.87 17.79 -23.68
N THR A 351 -26.24 18.75 -24.38
CA THR A 351 -24.90 18.73 -24.86
C THR A 351 -24.29 20.17 -24.81
N VAL A 352 -22.97 20.10 -24.80
CA VAL A 352 -22.07 21.21 -24.80
C VAL A 352 -20.99 20.94 -25.89
N ILE A 353 -20.91 21.93 -26.77
CA ILE A 353 -19.95 21.96 -27.83
C ILE A 353 -18.87 22.89 -27.22
N CYS A 354 -17.72 22.29 -27.04
CA CYS A 354 -16.60 22.94 -26.40
C CYS A 354 -15.54 23.30 -27.41
N HIS A 355 -15.02 24.49 -27.27
CA HIS A 355 -13.97 24.88 -28.19
C HIS A 355 -12.81 25.25 -27.26
N GLY A 356 -11.82 24.37 -27.26
CA GLY A 356 -10.68 24.55 -26.40
C GLY A 356 -9.93 25.85 -26.54
N VAL A 357 -9.64 26.46 -25.39
CA VAL A 357 -8.92 27.69 -25.26
C VAL A 357 -7.63 27.30 -24.54
N GLU A 358 -6.52 27.98 -24.79
CA GLU A 358 -5.26 27.65 -24.13
C GLU A 358 -5.27 27.96 -22.63
N LYS A 359 -5.85 29.09 -22.24
CA LYS A 359 -5.87 29.43 -20.84
C LYS A 359 -7.16 30.11 -20.42
N LEU A 360 -7.47 29.77 -19.17
CA LEU A 360 -8.68 30.31 -18.54
C LEU A 360 -8.24 31.46 -17.69
N SER A 361 -9.15 32.32 -17.24
CA SER A 361 -8.81 33.47 -16.40
C SER A 361 -9.59 33.33 -15.09
N GLY A 362 -8.97 33.55 -13.96
CA GLY A 362 -9.53 33.41 -12.64
C GLY A 362 -10.84 34.10 -12.40
N ALA A 363 -11.80 33.55 -11.61
CA ALA A 363 -13.05 34.25 -11.40
C ALA A 363 -13.72 33.82 -10.11
N GLN A 364 -14.74 34.57 -9.76
CA GLN A 364 -15.52 34.23 -8.59
C GLN A 364 -16.62 33.37 -9.19
N VAL A 365 -16.50 32.09 -8.87
CA VAL A 365 -17.39 31.10 -9.43
C VAL A 365 -18.04 30.33 -8.25
N MET A 366 -19.18 29.70 -8.56
CA MET A 366 -19.94 28.88 -7.67
C MET A 366 -20.79 27.83 -8.40
N ALA A 367 -20.80 26.60 -7.91
CA ALA A 367 -21.64 25.55 -8.41
C ALA A 367 -22.13 24.75 -7.16
N THR A 368 -23.37 24.29 -7.26
CA THR A 368 -24.00 23.52 -6.20
C THR A 368 -23.80 22.02 -6.32
N ASP A 369 -23.52 21.49 -7.49
CA ASP A 369 -23.25 20.07 -7.68
C ASP A 369 -21.81 19.92 -7.25
N LEU A 370 -21.55 18.88 -6.48
CA LEU A 370 -20.17 18.68 -6.02
C LEU A 370 -19.21 18.36 -7.15
N ARG A 371 -19.59 17.65 -8.19
CA ARG A 371 -18.65 17.40 -9.32
C ARG A 371 -18.38 18.70 -10.10
N ALA A 372 -19.40 19.54 -10.33
CA ALA A 372 -19.26 20.83 -10.96
C ALA A 372 -18.38 21.73 -10.09
N SER A 373 -18.64 21.78 -8.78
CA SER A 373 -17.88 22.62 -7.86
C SER A 373 -16.43 22.23 -7.86
N ALA A 374 -16.11 20.93 -7.77
CA ALA A 374 -14.76 20.40 -7.81
C ALA A 374 -14.09 20.72 -9.17
N SER A 375 -14.80 20.73 -10.31
CA SER A 375 -14.31 21.07 -11.63
C SER A 375 -13.90 22.55 -11.64
N LEU A 376 -14.65 23.34 -10.88
CA LEU A 376 -14.33 24.76 -10.73
C LEU A 376 -13.03 24.97 -9.96
N VAL A 377 -12.79 24.18 -8.91
CA VAL A 377 -11.53 24.28 -8.18
C VAL A 377 -10.38 23.93 -9.13
N LEU A 378 -10.55 22.88 -9.93
CA LEU A 378 -9.60 22.41 -10.92
C LEU A 378 -9.30 23.48 -11.97
N ALA A 379 -10.27 24.13 -12.55
CA ALA A 379 -10.05 25.20 -13.54
C ALA A 379 -9.28 26.35 -12.90
N GLY A 380 -9.63 26.68 -11.66
CA GLY A 380 -9.01 27.65 -10.79
C GLY A 380 -7.53 27.30 -10.69
N CYS A 381 -7.16 26.03 -10.57
CA CYS A 381 -5.76 25.63 -10.49
C CYS A 381 -4.96 26.00 -11.74
N ILE A 382 -5.54 25.91 -12.95
CA ILE A 382 -4.88 26.16 -14.22
C ILE A 382 -5.18 27.51 -14.89
N ALA A 383 -6.13 28.24 -14.32
CA ALA A 383 -6.57 29.53 -14.79
C ALA A 383 -5.50 30.58 -14.44
N GLU A 384 -5.57 31.72 -15.09
CA GLU A 384 -4.63 32.78 -14.81
C GLU A 384 -5.12 33.61 -13.62
N GLY A 385 -4.29 33.78 -12.61
CA GLY A 385 -4.72 34.62 -11.54
C GLY A 385 -5.47 33.83 -10.48
N THR A 386 -6.39 34.56 -9.86
CA THR A 386 -7.18 34.05 -8.77
C THR A 386 -8.62 33.72 -9.06
N THR A 387 -8.97 32.50 -8.62
CA THR A 387 -10.31 31.95 -8.72
C THR A 387 -10.89 31.72 -7.31
N VAL A 388 -12.10 32.22 -7.09
CA VAL A 388 -12.75 32.03 -5.81
C VAL A 388 -14.00 31.16 -5.99
N VAL A 389 -13.83 29.92 -5.50
CA VAL A 389 -14.93 28.96 -5.57
C VAL A 389 -15.71 29.08 -4.27
N ASP A 390 -16.94 29.56 -4.34
CA ASP A 390 -17.76 29.70 -3.15
C ASP A 390 -18.55 28.43 -2.88
N ARG A 391 -19.21 28.33 -1.71
CA ARG A 391 -20.04 27.20 -1.38
C ARG A 391 -19.41 25.83 -1.58
N ILE A 392 -18.18 25.81 -1.08
CA ILE A 392 -17.23 24.69 -1.05
C ILE A 392 -17.65 23.50 -0.23
N TYR A 393 -18.73 23.65 0.60
CA TYR A 393 -19.26 22.61 1.45
C TYR A 393 -19.79 21.49 0.59
N HIS A 394 -20.27 21.84 -0.60
CA HIS A 394 -20.65 20.81 -1.56
C HIS A 394 -19.41 19.92 -1.82
N ILE A 395 -18.19 20.44 -2.05
CA ILE A 395 -17.04 19.54 -2.22
C ILE A 395 -16.69 18.77 -0.95
N ASP A 396 -16.61 19.42 0.20
CA ASP A 396 -16.25 18.84 1.50
C ASP A 396 -17.12 17.64 1.89
N ARG A 397 -18.38 17.69 1.46
CA ARG A 397 -19.26 16.57 1.71
C ARG A 397 -18.92 15.39 0.84
N GLY A 398 -18.19 15.52 -0.26
CA GLY A 398 -18.00 14.28 -1.00
C GLY A 398 -16.53 14.05 -1.26
N TYR A 399 -15.63 14.91 -0.84
CA TYR A 399 -14.21 14.73 -1.10
C TYR A 399 -13.53 14.98 0.25
N GLU A 400 -12.76 14.00 0.66
CA GLU A 400 -12.04 14.17 1.91
C GLU A 400 -10.95 15.25 1.67
N ARG A 401 -11.19 16.48 2.09
CA ARG A 401 -10.31 17.63 2.01
C ARG A 401 -9.40 17.76 0.79
N ILE A 402 -10.09 18.07 -0.30
CA ILE A 402 -9.48 18.17 -1.61
C ILE A 402 -8.36 19.17 -1.66
N GLU A 403 -8.41 20.25 -0.89
CA GLU A 403 -7.34 21.25 -0.94
C GLU A 403 -6.00 20.69 -0.46
N ASP A 404 -6.08 19.78 0.50
CA ASP A 404 -4.85 19.21 1.01
C ASP A 404 -4.31 18.30 -0.09
N LYS A 405 -5.15 17.52 -0.76
CA LYS A 405 -4.69 16.65 -1.82
C LYS A 405 -4.14 17.48 -3.00
N LEU A 406 -4.85 18.52 -3.38
CA LEU A 406 -4.49 19.38 -4.49
C LEU A 406 -3.23 20.13 -4.12
N ARG A 407 -3.17 20.69 -2.92
CA ARG A 407 -2.00 21.46 -2.49
C ARG A 407 -0.76 20.58 -2.60
N ALA A 408 -0.92 19.30 -2.36
CA ALA A 408 0.11 18.28 -2.45
C ALA A 408 0.54 17.95 -3.89
N LEU A 409 -0.16 18.39 -4.91
CA LEU A 409 0.09 18.19 -6.34
C LEU A 409 0.63 19.51 -6.91
N GLY A 410 0.86 20.51 -6.05
CA GLY A 410 1.38 21.81 -6.38
C GLY A 410 0.43 22.96 -6.51
N ALA A 411 -0.85 22.84 -6.19
CA ALA A 411 -1.87 23.85 -6.29
C ALA A 411 -1.61 24.91 -5.21
N ASN A 412 -2.05 26.10 -5.57
CA ASN A 412 -1.98 27.23 -4.66
C ASN A 412 -3.47 27.40 -4.27
N ILE A 413 -3.83 26.76 -3.13
CA ILE A 413 -5.26 26.84 -2.79
C ILE A 413 -5.41 27.13 -1.32
N GLU A 414 -6.46 27.84 -0.95
CA GLU A 414 -6.52 28.10 0.49
C GLU A 414 -7.95 28.13 0.91
N ARG A 415 -8.25 27.58 2.07
CA ARG A 415 -9.64 27.65 2.51
C ARG A 415 -9.87 29.02 3.13
N VAL A 416 -10.90 29.77 2.76
CA VAL A 416 -11.22 31.09 3.27
C VAL A 416 -12.63 31.01 3.84
N LYS A 417 -12.57 31.02 5.16
CA LYS A 417 -13.74 30.90 6.04
C LYS A 417 -14.46 32.21 6.18
N GLY A 418 -15.80 32.25 6.14
CA GLY A 418 -16.50 33.56 6.25
C GLY A 418 -16.38 34.36 4.94
N GLU A 419 -15.30 35.14 4.84
CA GLU A 419 -14.96 36.01 3.71
C GLU A 419 -13.49 35.95 3.28
N MET B 1 19.75 -32.38 -2.74
CA MET B 1 19.56 -31.03 -2.10
C MET B 1 18.69 -30.21 -3.02
N ASP B 2 17.82 -29.35 -2.49
CA ASP B 2 17.00 -28.53 -3.36
C ASP B 2 17.84 -27.67 -4.31
N LYS B 3 17.36 -27.67 -5.54
CA LYS B 3 17.91 -27.02 -6.69
C LYS B 3 16.76 -26.24 -7.34
N PHE B 4 17.18 -25.28 -8.16
CA PHE B 4 16.11 -24.54 -8.84
C PHE B 4 16.35 -24.84 -10.34
N ARG B 5 15.29 -25.25 -11.00
CA ARG B 5 15.41 -25.51 -12.43
C ARG B 5 14.70 -24.36 -13.09
N VAL B 6 15.48 -23.64 -13.93
CA VAL B 6 14.99 -22.45 -14.61
C VAL B 6 15.03 -22.60 -16.12
N GLN B 7 13.99 -22.12 -16.77
CA GLN B 7 13.81 -22.14 -18.21
C GLN B 7 13.75 -20.75 -18.81
N GLY B 8 14.73 -20.46 -19.69
CA GLY B 8 14.75 -19.14 -20.34
C GLY B 8 14.82 -19.28 -21.87
N PRO B 9 14.90 -18.15 -22.54
CA PRO B 9 14.91 -16.86 -21.90
C PRO B 9 13.55 -16.32 -21.59
N THR B 10 13.42 -15.48 -20.57
CA THR B 10 12.13 -14.90 -20.25
C THR B 10 12.43 -13.44 -19.93
N ARG B 11 11.53 -12.56 -20.30
CA ARG B 11 11.58 -11.15 -20.02
C ARG B 11 10.80 -11.06 -18.65
N LEU B 12 11.50 -10.39 -17.72
CA LEU B 12 10.97 -10.24 -16.37
C LEU B 12 10.34 -8.89 -16.29
N GLN B 13 9.01 -8.93 -16.10
CA GLN B 13 8.31 -7.64 -16.00
C GLN B 13 7.03 -7.79 -15.15
N GLY B 14 6.64 -6.67 -14.53
CA GLY B 14 5.44 -6.70 -13.71
C GLY B 14 5.70 -5.94 -12.43
N GLU B 15 5.08 -6.39 -11.35
CA GLU B 15 5.23 -5.76 -10.07
C GLU B 15 5.78 -6.89 -9.15
N VAL B 16 6.46 -6.36 -8.15
CA VAL B 16 7.07 -7.17 -7.10
C VAL B 16 6.95 -6.29 -5.86
N THR B 17 6.58 -6.97 -4.76
CA THR B 17 6.50 -6.36 -3.44
C THR B 17 7.81 -6.71 -2.73
N ILE B 18 8.48 -5.66 -2.33
CA ILE B 18 9.74 -5.85 -1.61
C ILE B 18 9.40 -6.24 -0.15
N SER B 19 10.08 -7.26 0.37
CA SER B 19 9.96 -7.70 1.74
C SER B 19 10.83 -6.86 2.67
N GLY B 20 10.54 -6.94 3.96
CA GLY B 20 11.27 -6.21 4.98
C GLY B 20 12.67 -6.75 5.05
N ALA B 21 13.67 -5.93 5.35
CA ALA B 21 15.04 -6.47 5.41
C ALA B 21 15.19 -7.34 6.68
N LYS B 22 15.63 -8.56 6.43
CA LYS B 22 15.92 -9.58 7.40
C LYS B 22 16.96 -9.08 8.40
N ASN B 23 17.95 -8.33 7.89
CA ASN B 23 19.04 -7.78 8.68
C ASN B 23 18.68 -6.53 9.41
N ALA B 24 17.45 -6.06 9.23
CA ALA B 24 16.88 -4.95 9.97
C ALA B 24 15.92 -5.71 10.95
N ALA B 25 15.16 -6.66 10.44
CA ALA B 25 14.22 -7.45 11.24
C ALA B 25 14.95 -8.22 12.33
N LEU B 26 16.03 -8.91 12.17
CA LEU B 26 16.71 -9.60 13.26
C LEU B 26 17.17 -8.74 14.42
N PRO B 27 17.94 -7.68 14.22
CA PRO B 27 18.37 -6.76 15.26
C PRO B 27 17.20 -6.10 15.94
N ILE B 28 16.06 -5.77 15.34
CA ILE B 28 14.81 -5.21 15.88
C ILE B 28 14.07 -6.24 16.76
N LEU B 29 13.91 -7.49 16.42
CA LEU B 29 13.30 -8.54 17.17
C LEU B 29 14.02 -8.72 18.52
N PHE B 30 15.34 -8.82 18.49
CA PHE B 30 16.13 -8.93 19.70
C PHE B 30 16.04 -7.67 20.54
N ALA B 31 16.03 -6.51 19.88
CA ALA B 31 15.92 -5.26 20.61
C ALA B 31 14.58 -5.19 21.34
N ALA B 32 13.52 -5.86 20.90
CA ALA B 32 12.17 -5.89 21.48
C ALA B 32 12.15 -6.50 22.90
N LEU B 33 13.21 -7.20 23.27
CA LEU B 33 13.44 -7.78 24.58
C LEU B 33 13.50 -6.64 25.58
N LEU B 34 13.82 -5.41 25.20
CA LEU B 34 13.89 -4.23 26.02
C LEU B 34 12.54 -3.55 26.27
N ALA B 35 11.54 -3.90 25.49
CA ALA B 35 10.25 -3.26 25.49
C ALA B 35 9.40 -3.81 26.63
N GLU B 36 8.97 -2.96 27.51
CA GLU B 36 8.13 -3.36 28.62
C GLU B 36 6.69 -3.66 28.27
N GLU B 37 6.28 -3.03 27.18
CA GLU B 37 4.95 -3.14 26.65
C GLU B 37 5.07 -3.85 25.31
N PRO B 38 3.94 -4.43 24.95
CA PRO B 38 3.82 -5.25 23.77
C PRO B 38 4.23 -4.51 22.52
N VAL B 39 4.80 -5.26 21.58
CA VAL B 39 5.19 -4.51 20.34
C VAL B 39 4.75 -5.31 19.12
N GLU B 40 4.41 -4.53 18.08
CA GLU B 40 4.02 -5.17 16.84
C GLU B 40 5.17 -4.80 15.85
N ILE B 41 5.88 -5.79 15.34
CA ILE B 41 6.97 -5.55 14.41
C ILE B 41 6.38 -5.85 13.02
N GLN B 42 6.04 -4.85 12.24
CA GLN B 42 5.44 -5.16 10.94
C GLN B 42 6.47 -5.28 9.80
N ASN B 43 6.07 -5.97 8.75
CA ASN B 43 6.92 -6.12 7.57
C ASN B 43 8.12 -6.98 7.87
N VAL B 44 7.85 -8.12 8.54
CA VAL B 44 8.97 -9.02 8.81
C VAL B 44 8.88 -10.17 7.85
N PRO B 45 9.93 -10.49 7.04
CA PRO B 45 9.91 -11.58 6.13
C PRO B 45 9.79 -12.91 6.88
N LYS B 46 9.30 -13.91 6.17
CA LYS B 46 9.18 -15.26 6.69
C LYS B 46 10.39 -16.05 6.22
N LEU B 47 11.45 -16.00 7.01
CA LEU B 47 12.69 -16.66 6.69
C LEU B 47 13.14 -17.50 7.85
N LYS B 48 13.97 -18.48 7.70
CA LYS B 48 14.47 -19.34 8.74
C LYS B 48 14.92 -18.61 9.98
N ASP B 49 15.81 -17.62 9.87
CA ASP B 49 16.32 -16.92 11.01
C ASP B 49 15.24 -16.25 11.82
N ILE B 50 14.18 -15.79 11.19
CA ILE B 50 13.09 -15.13 11.91
C ILE B 50 12.42 -16.13 12.86
N ASP B 51 12.25 -17.35 12.38
CA ASP B 51 11.67 -18.53 13.00
C ASP B 51 12.60 -18.92 14.16
N THR B 52 13.91 -19.01 13.90
CA THR B 52 14.83 -19.31 14.96
C THR B 52 14.75 -18.28 16.06
N THR B 53 14.67 -17.01 15.80
CA THR B 53 14.58 -15.91 16.71
C THR B 53 13.28 -15.90 17.50
N MET B 54 12.14 -16.17 16.89
CA MET B 54 10.88 -16.25 17.64
C MET B 54 11.00 -17.41 18.64
N LYS B 55 11.49 -18.55 18.25
CA LYS B 55 11.74 -19.76 19.03
C LYS B 55 12.66 -19.45 20.19
N LEU B 56 13.76 -18.75 19.96
CA LEU B 56 14.73 -18.31 20.93
C LEU B 56 14.06 -17.33 21.90
N LEU B 57 13.28 -16.39 21.37
CA LEU B 57 12.60 -15.42 22.21
C LEU B 57 11.56 -16.11 23.12
N THR B 58 10.85 -17.09 22.60
CA THR B 58 9.83 -17.81 23.36
C THR B 58 10.54 -18.50 24.50
N GLN B 59 11.63 -19.19 24.28
CA GLN B 59 12.37 -19.81 25.35
C GLN B 59 12.76 -18.83 26.46
N LEU B 60 12.87 -17.54 26.28
CA LEU B 60 13.19 -16.64 27.35
C LEU B 60 11.95 -16.20 28.16
N GLY B 61 10.78 -16.60 27.72
CA GLY B 61 9.59 -16.17 28.48
C GLY B 61 8.80 -15.13 27.75
N THR B 62 9.26 -14.83 26.49
CA THR B 62 8.58 -13.85 25.65
C THR B 62 7.36 -14.46 24.96
N LYS B 63 6.32 -13.64 24.87
CA LYS B 63 5.17 -14.19 24.14
C LYS B 63 5.25 -13.59 22.73
N VAL B 64 5.34 -14.51 21.78
CA VAL B 64 5.43 -14.10 20.39
C VAL B 64 4.47 -14.84 19.45
N GLU B 65 3.84 -14.08 18.55
CA GLU B 65 2.96 -14.63 17.53
C GLU B 65 3.41 -13.93 16.19
N ARG B 66 3.19 -14.57 15.05
CA ARG B 66 3.58 -13.96 13.78
C ARG B 66 2.47 -13.97 12.75
N ASN B 67 2.79 -13.61 11.54
CA ASN B 67 2.35 -13.44 10.20
C ASN B 67 2.74 -12.22 9.41
N GLY B 68 2.04 -11.20 9.01
CA GLY B 68 2.81 -10.13 8.27
C GLY B 68 3.71 -9.38 9.25
N SER B 69 3.27 -9.30 10.52
CA SER B 69 3.94 -8.71 11.61
C SER B 69 4.35 -9.82 12.58
N VAL B 70 5.16 -9.40 13.53
CA VAL B 70 5.67 -10.27 14.58
C VAL B 70 5.22 -9.45 15.81
N TRP B 71 4.45 -10.10 16.65
CA TRP B 71 3.92 -9.46 17.86
C TRP B 71 4.68 -10.03 19.05
N ILE B 72 5.24 -9.14 19.82
CA ILE B 72 6.03 -9.57 20.97
C ILE B 72 5.56 -8.91 22.26
N ASP B 73 5.57 -9.78 23.27
CA ASP B 73 5.23 -9.23 24.62
C ASP B 73 6.39 -9.75 25.47
N ALA B 74 7.31 -8.83 25.77
CA ALA B 74 8.48 -9.25 26.55
C ALA B 74 8.33 -8.86 28.02
N SER B 75 7.08 -8.57 28.38
CA SER B 75 6.75 -8.17 29.74
C SER B 75 7.08 -9.27 30.72
N ASN B 76 7.05 -10.56 30.41
CA ASN B 76 7.34 -11.64 31.35
C ASN B 76 8.63 -12.42 31.08
N VAL B 77 9.71 -11.87 30.51
CA VAL B 77 10.95 -12.63 30.28
C VAL B 77 11.34 -13.05 31.71
N ASN B 78 11.64 -14.31 31.78
CA ASN B 78 11.99 -14.96 33.03
C ASN B 78 13.15 -15.92 32.87
N ASN B 79 13.62 -16.05 31.62
CA ASN B 79 14.74 -16.97 31.39
C ASN B 79 15.75 -16.14 30.63
N PHE B 80 17.02 -16.24 31.01
CA PHE B 80 18.01 -15.35 30.40
C PHE B 80 19.19 -16.01 29.71
N SER B 81 18.93 -17.20 29.20
CA SER B 81 19.91 -18.00 28.49
C SER B 81 19.36 -18.40 27.11
N ALA B 82 20.23 -18.25 26.11
CA ALA B 82 19.96 -18.63 24.75
C ALA B 82 20.89 -19.86 24.62
N PRO B 83 20.28 -21.05 24.65
CA PRO B 83 20.96 -22.33 24.56
C PRO B 83 21.48 -22.71 23.19
N TYR B 84 22.52 -23.55 23.23
CA TYR B 84 23.20 -24.09 22.07
C TYR B 84 22.24 -24.64 21.02
N ASP B 85 21.25 -25.44 21.35
CA ASP B 85 20.26 -26.00 20.49
C ASP B 85 19.60 -24.90 19.65
N LEU B 86 19.24 -23.75 20.20
CA LEU B 86 18.58 -22.70 19.40
C LEU B 86 19.59 -21.81 18.67
N VAL B 87 20.68 -21.46 19.35
CA VAL B 87 21.68 -20.61 18.78
C VAL B 87 22.68 -21.23 17.82
N LYS B 88 22.97 -22.51 17.78
CA LYS B 88 23.96 -23.12 16.92
C LYS B 88 23.64 -22.98 15.43
N THR B 89 22.43 -22.71 15.07
CA THR B 89 21.77 -22.47 13.83
C THR B 89 21.92 -21.04 13.31
N MET B 90 22.24 -20.06 14.18
CA MET B 90 22.32 -18.65 13.92
C MET B 90 23.25 -17.78 14.74
N ARG B 91 24.17 -17.12 14.05
CA ARG B 91 25.19 -16.19 14.51
C ARG B 91 24.51 -14.98 15.13
N ALA B 92 23.37 -14.48 14.67
CA ALA B 92 22.60 -13.36 15.12
C ALA B 92 22.02 -13.47 16.54
N SER B 93 22.09 -14.71 17.05
CA SER B 93 21.58 -14.96 18.42
C SER B 93 22.40 -14.20 19.46
N ILE B 94 23.62 -13.75 19.17
CA ILE B 94 24.46 -12.99 20.04
C ILE B 94 23.69 -11.73 20.39
N TRP B 95 22.81 -11.25 19.52
CA TRP B 95 22.00 -10.07 19.74
C TRP B 95 21.04 -10.13 20.95
N ALA B 96 20.85 -11.29 21.54
CA ALA B 96 20.02 -11.49 22.77
C ALA B 96 20.83 -11.00 23.96
N LEU B 97 22.16 -11.09 23.96
CA LEU B 97 23.04 -10.68 25.01
C LEU B 97 22.89 -9.29 25.56
N GLY B 98 22.99 -8.23 24.75
CA GLY B 98 22.89 -6.84 25.14
C GLY B 98 21.53 -6.48 25.74
N PRO B 99 20.41 -6.72 25.11
CA PRO B 99 19.11 -6.42 25.68
C PRO B 99 18.86 -7.18 27.00
N LEU B 100 19.24 -8.42 27.21
CA LEU B 100 19.06 -9.23 28.41
C LEU B 100 19.83 -8.56 29.54
N VAL B 101 21.11 -8.26 29.36
CA VAL B 101 21.89 -7.64 30.41
C VAL B 101 21.41 -6.23 30.70
N ALA B 102 21.04 -5.43 29.68
CA ALA B 102 20.61 -4.09 29.86
C ALA B 102 19.28 -3.95 30.67
N ARG B 103 18.42 -4.88 30.31
CA ARG B 103 17.10 -4.83 30.93
C ARG B 103 17.04 -5.67 32.19
N PHE B 104 17.49 -6.90 32.13
CA PHE B 104 17.43 -7.80 33.25
C PHE B 104 18.67 -7.97 34.07
N GLY B 105 19.78 -7.27 33.78
CA GLY B 105 20.96 -7.46 34.60
C GLY B 105 21.78 -8.68 34.30
N GLN B 106 21.31 -9.57 33.45
CA GLN B 106 22.04 -10.75 33.08
C GLN B 106 21.55 -11.38 31.78
N GLY B 107 22.51 -11.97 31.08
CA GLY B 107 22.26 -12.63 29.80
C GLY B 107 23.35 -13.68 29.55
N GLN B 108 22.98 -14.75 28.82
CA GLN B 108 23.98 -15.75 28.57
C GLN B 108 23.68 -16.30 27.20
N VAL B 109 24.69 -16.38 26.35
CA VAL B 109 24.51 -16.88 24.98
C VAL B 109 25.54 -18.00 24.79
N SER B 110 25.01 -19.11 24.27
CA SER B 110 25.92 -20.22 24.04
C SER B 110 26.59 -19.88 22.71
N LEU B 111 27.83 -20.27 22.66
CA LEU B 111 28.65 -20.04 21.48
C LEU B 111 29.15 -21.42 21.02
N PRO B 112 29.24 -21.55 19.71
CA PRO B 112 29.77 -22.76 19.06
C PRO B 112 31.29 -22.61 19.18
N GLY B 113 31.98 -23.73 19.43
CA GLY B 113 33.44 -23.64 19.59
C GLY B 113 34.16 -23.55 18.22
N GLY B 114 35.48 -23.27 18.35
CA GLY B 114 36.34 -23.18 17.14
C GLY B 114 37.77 -23.20 17.67
N CYS B 115 38.73 -23.69 16.86
CA CYS B 115 40.10 -23.66 17.43
C CYS B 115 40.74 -22.27 17.18
N ALA B 116 40.10 -21.44 16.30
CA ALA B 116 40.72 -20.12 16.09
C ALA B 116 40.37 -19.14 17.23
N ILE B 117 41.40 -18.40 17.66
CA ILE B 117 41.26 -17.43 18.74
C ILE B 117 41.83 -16.12 18.21
N GLY B 118 41.22 -14.98 18.59
CA GLY B 118 41.76 -13.69 18.14
C GLY B 118 40.76 -12.94 17.28
N ALA B 119 40.37 -11.72 17.66
CA ALA B 119 39.37 -10.95 16.89
C ALA B 119 38.48 -11.96 16.13
N ARG B 120 37.67 -12.64 16.97
CA ARG B 120 36.65 -13.63 16.72
C ARG B 120 35.41 -12.68 16.55
N PRO B 121 34.39 -13.25 15.92
CA PRO B 121 33.19 -12.45 15.68
C PRO B 121 32.78 -11.53 16.83
N VAL B 122 32.33 -12.20 17.89
CA VAL B 122 31.77 -11.62 19.09
C VAL B 122 32.62 -10.85 20.02
N ASP B 123 33.91 -10.78 19.85
CA ASP B 123 34.75 -10.05 20.83
C ASP B 123 34.40 -8.59 20.83
N LEU B 124 33.80 -7.97 19.78
CA LEU B 124 33.47 -6.54 19.91
C LEU B 124 32.21 -6.34 20.78
N HIS B 125 31.34 -7.37 20.67
CA HIS B 125 30.10 -7.37 21.42
C HIS B 125 30.45 -7.53 22.90
N ILE B 126 31.26 -8.48 23.26
CA ILE B 126 31.72 -8.83 24.62
C ILE B 126 32.36 -7.60 25.23
N PHE B 127 33.42 -7.14 24.50
CA PHE B 127 34.12 -5.94 24.99
C PHE B 127 33.25 -4.74 24.92
N GLY B 128 32.31 -4.55 23.99
CA GLY B 128 31.48 -3.36 24.02
C GLY B 128 30.59 -3.38 25.27
N LEU B 129 30.01 -4.51 25.59
CA LEU B 129 29.17 -4.65 26.82
C LEU B 129 29.99 -4.39 28.08
N GLU B 130 31.23 -4.94 28.10
CA GLU B 130 32.14 -4.71 29.22
C GLU B 130 32.42 -3.23 29.34
N LYS B 131 32.62 -2.44 28.27
CA LYS B 131 32.83 -1.02 28.43
C LYS B 131 31.57 -0.36 28.99
N LEU B 132 30.37 -0.91 28.85
CA LEU B 132 29.14 -0.41 29.38
C LEU B 132 28.87 -0.80 30.86
N GLY B 133 29.89 -1.43 31.48
CA GLY B 133 29.83 -1.81 32.86
C GLY B 133 29.45 -3.25 33.10
N ALA B 134 29.22 -4.05 32.06
CA ALA B 134 28.86 -5.41 32.36
C ALA B 134 30.11 -6.18 32.73
N GLU B 135 29.82 -7.18 33.56
CA GLU B 135 30.85 -8.13 33.95
C GLU B 135 30.66 -9.24 32.92
N ILE B 136 31.73 -9.73 32.33
CA ILE B 136 31.69 -10.76 31.33
C ILE B 136 32.34 -12.01 31.89
N LYS B 137 31.62 -13.10 31.69
CA LYS B 137 32.14 -14.39 32.14
C LYS B 137 32.21 -15.29 30.91
N LEU B 138 33.37 -15.88 30.70
CA LEU B 138 33.63 -16.73 29.56
C LEU B 138 34.21 -18.04 30.00
N GLU B 139 33.65 -19.02 29.38
CA GLU B 139 34.02 -20.43 29.41
C GLU B 139 33.93 -20.80 27.93
N GLU B 140 34.81 -21.60 27.36
CA GLU B 140 34.73 -21.94 25.93
C GLU B 140 33.32 -21.99 25.34
N GLY B 141 32.41 -22.81 25.88
CA GLY B 141 31.07 -22.85 25.31
C GLY B 141 30.14 -21.67 25.32
N TYR B 142 30.34 -20.56 26.03
CA TYR B 142 29.41 -19.46 26.05
C TYR B 142 29.96 -18.18 26.64
N VAL B 143 29.11 -17.16 26.57
CA VAL B 143 29.40 -15.86 27.12
C VAL B 143 28.19 -15.45 28.00
N LYS B 144 28.48 -14.94 29.20
CA LYS B 144 27.49 -14.47 30.14
C LYS B 144 27.81 -13.04 30.48
N ALA B 145 26.91 -12.07 30.42
CA ALA B 145 27.23 -10.71 30.73
C ALA B 145 26.32 -10.37 31.90
N SER B 146 26.69 -9.59 32.88
CA SER B 146 25.68 -9.34 33.92
C SER B 146 26.05 -8.02 34.51
N VAL B 147 25.12 -7.43 35.24
CA VAL B 147 25.46 -6.16 35.89
C VAL B 147 24.54 -6.03 37.12
N ASN B 148 25.00 -5.36 38.14
CA ASN B 148 24.25 -5.11 39.37
C ASN B 148 23.74 -3.69 39.11
N GLY B 149 22.47 -3.47 39.11
CA GLY B 149 22.02 -2.11 38.84
C GLY B 149 21.94 -2.01 37.29
N ARG B 150 22.14 -0.80 36.81
CA ARG B 150 22.14 -0.38 35.42
C ARG B 150 23.53 -0.40 34.77
N LEU B 151 23.51 -0.54 33.43
CA LEU B 151 24.80 -0.44 32.71
C LEU B 151 25.14 1.05 32.74
N LYS B 152 26.37 1.45 32.35
CA LYS B 152 26.53 2.91 32.41
C LYS B 152 27.14 3.33 31.07
N GLY B 153 26.61 4.43 30.60
CA GLY B 153 27.04 5.01 29.34
C GLY B 153 28.54 5.10 29.23
N ALA B 154 29.16 4.84 28.07
CA ALA B 154 30.60 4.93 27.93
C ALA B 154 30.97 5.47 26.52
N HIS B 155 32.16 6.05 26.44
CA HIS B 155 32.67 6.52 25.13
C HIS B 155 33.46 5.36 24.56
N ILE B 156 32.96 4.74 23.53
CA ILE B 156 33.47 3.56 22.91
C ILE B 156 34.02 3.79 21.50
N VAL B 157 35.30 3.55 21.33
CA VAL B 157 35.90 3.65 20.01
C VAL B 157 36.06 2.24 19.43
N MET B 158 35.32 1.89 18.40
CA MET B 158 35.36 0.63 17.73
C MET B 158 36.57 0.64 16.81
N ASP B 159 37.36 -0.39 16.86
CA ASP B 159 38.58 -0.50 16.06
C ASP B 159 38.25 -1.03 14.67
N LYS B 160 37.12 -1.70 14.54
CA LYS B 160 36.64 -2.29 13.29
C LYS B 160 35.18 -1.88 13.13
N VAL B 161 34.69 -1.54 11.94
CA VAL B 161 33.32 -1.14 11.73
C VAL B 161 32.50 -2.42 11.76
N SER B 162 31.54 -2.58 12.69
CA SER B 162 30.81 -3.82 12.75
C SER B 162 29.32 -3.56 12.93
N VAL B 163 28.53 -4.14 12.06
CA VAL B 163 27.10 -3.91 12.20
C VAL B 163 26.63 -4.69 13.43
N GLY B 164 27.06 -5.93 13.56
CA GLY B 164 26.68 -6.73 14.72
C GLY B 164 27.00 -6.04 16.05
N ALA B 165 28.22 -5.65 16.35
CA ALA B 165 28.67 -5.00 17.55
C ALA B 165 27.99 -3.65 17.68
N THR B 166 27.78 -2.87 16.62
CA THR B 166 27.10 -1.59 16.68
C THR B 166 25.69 -1.87 17.27
N VAL B 167 24.97 -2.84 16.74
CA VAL B 167 23.62 -3.14 17.22
C VAL B 167 23.71 -3.51 18.72
N THR B 168 24.52 -4.46 19.15
CA THR B 168 24.60 -4.88 20.52
C THR B 168 24.88 -3.67 21.37
N ILE B 169 25.90 -2.89 21.14
CA ILE B 169 26.24 -1.74 21.93
C ILE B 169 25.18 -0.66 22.05
N MET B 170 24.62 -0.27 20.90
CA MET B 170 23.60 0.74 20.81
C MET B 170 22.31 0.32 21.54
N SER B 171 21.86 -0.90 21.33
CA SER B 171 20.63 -1.40 21.95
C SER B 171 20.76 -1.42 23.51
N ALA B 172 21.84 -1.96 24.01
CA ALA B 172 22.16 -2.06 25.42
C ALA B 172 22.26 -0.70 26.01
N ALA B 173 22.90 0.24 25.33
CA ALA B 173 23.09 1.61 25.78
C ALA B 173 21.79 2.38 26.01
N THR B 174 20.68 2.00 25.37
CA THR B 174 19.43 2.73 25.56
C THR B 174 18.88 2.72 27.00
N LEU B 175 19.32 1.72 27.79
CA LEU B 175 18.91 1.54 29.16
C LEU B 175 20.01 1.82 30.13
N ALA B 176 21.15 2.23 29.59
CA ALA B 176 22.28 2.52 30.47
C ALA B 176 22.07 3.90 31.06
N GLU B 177 22.77 4.20 32.17
CA GLU B 177 22.67 5.50 32.81
C GLU B 177 23.70 6.39 32.12
N GLY B 178 23.21 7.48 31.60
CA GLY B 178 24.15 8.40 30.90
C GLY B 178 24.19 8.16 29.36
N THR B 179 25.22 8.82 28.90
CA THR B 179 25.56 8.90 27.49
C THR B 179 26.61 7.96 26.98
N THR B 180 26.26 7.24 25.91
CA THR B 180 27.16 6.33 25.25
C THR B 180 27.51 6.95 23.87
N ILE B 181 28.77 6.93 23.52
CA ILE B 181 29.20 7.39 22.20
C ILE B 181 29.80 6.15 21.52
N ILE B 182 29.37 5.79 20.32
CA ILE B 182 29.94 4.69 19.55
C ILE B 182 30.69 5.36 18.35
N GLU B 183 32.01 5.41 18.27
CA GLU B 183 32.82 5.99 17.22
C GLU B 183 33.17 4.83 16.28
N ASN B 184 32.99 5.02 14.98
CA ASN B 184 33.23 4.01 13.97
C ASN B 184 32.07 3.00 14.00
N ALA B 185 30.89 3.56 14.24
CA ALA B 185 29.66 2.75 14.21
C ALA B 185 29.34 2.40 12.74
N ALA B 186 28.77 1.26 12.46
CA ALA B 186 28.35 0.79 11.17
C ALA B 186 27.31 1.77 10.67
N ARG B 187 27.28 2.22 9.43
CA ARG B 187 26.32 3.20 8.94
C ARG B 187 25.19 2.64 8.13
N GLU B 188 25.11 1.36 7.87
CA GLU B 188 24.09 0.73 7.06
C GLU B 188 22.67 1.10 7.41
N PRO B 189 21.80 1.08 6.40
CA PRO B 189 20.41 1.39 6.57
C PRO B 189 19.76 0.53 7.67
N GLU B 190 20.13 -0.70 7.89
CA GLU B 190 19.63 -1.62 8.89
C GLU B 190 20.01 -1.19 10.31
N ILE B 191 21.05 -0.42 10.56
CA ILE B 191 21.54 0.17 11.76
C ILE B 191 20.62 1.32 12.11
N VAL B 192 20.39 2.15 11.10
CA VAL B 192 19.54 3.31 11.12
C VAL B 192 18.13 2.81 11.48
N ASP B 193 17.59 1.76 10.88
CA ASP B 193 16.28 1.25 11.16
C ASP B 193 16.19 0.70 12.61
N THR B 194 17.21 0.09 13.11
CA THR B 194 17.29 -0.44 14.47
C THR B 194 17.27 0.75 15.43
N ALA B 195 18.06 1.79 15.19
CA ALA B 195 18.07 2.97 16.03
C ALA B 195 16.71 3.64 16.07
N ASN B 196 16.04 3.68 14.96
CA ASN B 196 14.73 4.27 14.72
C ASN B 196 13.68 3.45 15.47
N PHE B 197 13.76 2.15 15.48
CA PHE B 197 12.82 1.35 16.27
C PHE B 197 13.00 1.67 17.75
N LEU B 198 14.23 1.64 18.22
CA LEU B 198 14.60 1.94 19.60
C LEU B 198 14.08 3.28 20.07
N VAL B 199 14.22 4.28 19.20
CA VAL B 199 13.76 5.63 19.40
C VAL B 199 12.23 5.58 19.41
N ALA B 200 11.56 4.76 18.63
CA ALA B 200 10.15 4.59 18.57
C ALA B 200 9.68 4.03 19.92
N LEU B 201 10.42 3.19 20.64
CA LEU B 201 10.00 2.68 21.94
C LEU B 201 10.32 3.70 23.01
N GLY B 202 10.93 4.83 22.76
CA GLY B 202 11.33 5.82 23.70
C GLY B 202 12.84 6.03 23.84
N ALA B 203 13.74 5.41 23.07
CA ALA B 203 15.15 5.71 23.30
C ALA B 203 15.49 7.07 22.74
N LYS B 204 16.65 7.51 23.17
CA LYS B 204 17.20 8.78 22.76
C LYS B 204 18.46 8.46 21.95
N ILE B 205 18.37 8.37 20.64
CA ILE B 205 19.56 8.03 19.84
C ILE B 205 19.74 9.06 18.70
N SER B 206 20.94 9.54 18.42
CA SER B 206 21.15 10.42 17.29
C SER B 206 22.49 10.01 16.62
N GLY B 207 22.70 10.36 15.32
CA GLY B 207 23.86 10.08 14.55
C GLY B 207 23.72 8.71 13.89
N GLN B 208 22.65 7.96 13.97
CA GLN B 208 22.52 6.69 13.32
C GLN B 208 22.71 7.00 11.81
N GLY B 209 23.48 6.20 11.08
CA GLY B 209 23.72 6.47 9.68
C GLY B 209 25.05 7.23 9.53
N THR B 210 25.64 7.80 10.57
CA THR B 210 26.87 8.49 10.60
C THR B 210 27.97 7.64 11.22
N ASP B 211 29.22 8.08 11.27
CA ASP B 211 30.34 7.37 11.85
C ASP B 211 30.27 7.41 13.39
N ARG B 212 29.34 8.20 13.95
CA ARG B 212 29.21 8.32 15.38
C ARG B 212 27.77 8.28 15.82
N ILE B 213 27.40 7.32 16.66
CA ILE B 213 26.05 7.19 17.21
C ILE B 213 26.16 7.64 18.67
N THR B 214 25.28 8.50 19.11
CA THR B 214 25.26 9.03 20.48
C THR B 214 23.89 8.56 21.02
N ILE B 215 24.01 7.95 22.22
CA ILE B 215 22.85 7.38 22.90
C ILE B 215 22.73 8.02 24.30
N GLU B 216 21.50 8.43 24.67
CA GLU B 216 21.23 8.97 26.00
C GLU B 216 20.28 7.91 26.64
N GLY B 217 20.90 7.22 27.63
CA GLY B 217 20.15 6.13 28.27
C GLY B 217 18.86 6.65 28.89
N VAL B 218 17.76 5.94 28.82
CA VAL B 218 16.45 6.22 29.40
C VAL B 218 16.19 5.10 30.43
N GLU B 219 15.26 5.28 31.38
CA GLU B 219 15.09 4.19 32.36
C GLU B 219 14.28 3.01 31.88
N ARG B 220 13.38 3.33 30.91
CA ARG B 220 12.61 2.20 30.43
C ARG B 220 12.18 2.47 28.99
N LEU B 221 11.97 1.37 28.31
CA LEU B 221 11.45 1.43 26.96
C LEU B 221 10.03 0.83 26.90
N GLY B 222 9.15 1.49 26.18
CA GLY B 222 7.78 1.11 26.02
C GLY B 222 7.50 0.01 25.02
N GLY B 223 6.48 0.38 24.24
CA GLY B 223 5.99 -0.51 23.20
C GLY B 223 5.52 0.35 22.02
N GLY B 224 4.88 -0.35 21.11
CA GLY B 224 4.38 0.33 19.92
C GLY B 224 4.38 -0.57 18.70
N VAL B 225 4.22 0.12 17.59
CA VAL B 225 4.16 -0.46 16.26
C VAL B 225 5.32 0.20 15.50
N TYR B 226 6.07 -0.73 14.87
CA TYR B 226 7.23 -0.38 14.05
C TYR B 226 7.31 -1.29 12.82
N ARG B 227 7.54 -0.64 11.66
CA ARG B 227 7.61 -1.40 10.39
C ARG B 227 9.04 -1.49 9.91
N VAL B 228 9.53 -2.69 9.71
CA VAL B 228 10.90 -2.99 9.27
C VAL B 228 11.16 -2.37 7.89
N LEU B 229 12.32 -1.72 7.68
CA LEU B 229 12.55 -1.14 6.33
C LEU B 229 12.63 -2.22 5.25
N PRO B 230 12.38 -1.83 4.00
CA PRO B 230 12.40 -2.72 2.84
C PRO B 230 13.80 -3.24 2.63
N ASP B 231 13.91 -4.45 2.11
CA ASP B 231 15.20 -5.11 1.84
C ASP B 231 15.79 -4.41 0.61
N ARG B 232 16.83 -3.60 0.76
CA ARG B 232 17.44 -2.90 -0.34
C ARG B 232 18.17 -3.78 -1.36
N ILE B 233 18.71 -4.88 -0.88
CA ILE B 233 19.45 -5.83 -1.76
C ILE B 233 18.43 -6.60 -2.56
N GLU B 234 17.33 -7.05 -1.92
CA GLU B 234 16.30 -7.75 -2.70
C GLU B 234 15.80 -6.75 -3.74
N THR B 235 15.57 -5.49 -3.43
CA THR B 235 15.10 -4.44 -4.32
C THR B 235 16.07 -4.36 -5.52
N GLY B 236 17.39 -4.21 -5.29
CA GLY B 236 18.36 -4.17 -6.38
C GLY B 236 18.33 -5.44 -7.19
N THR B 237 18.16 -6.64 -6.69
CA THR B 237 18.09 -7.90 -7.36
C THR B 237 16.95 -7.85 -8.35
N PHE B 238 15.79 -7.40 -7.89
CA PHE B 238 14.64 -7.36 -8.79
C PHE B 238 14.84 -6.27 -9.83
N LEU B 239 15.47 -5.16 -9.47
CA LEU B 239 15.72 -4.09 -10.42
C LEU B 239 16.71 -4.65 -11.45
N VAL B 240 17.71 -5.43 -11.13
CA VAL B 240 18.67 -6.05 -11.99
C VAL B 240 17.92 -7.07 -12.81
N ALA B 241 17.04 -7.91 -12.29
CA ALA B 241 16.26 -8.84 -13.11
C ALA B 241 15.52 -8.15 -14.25
N ALA B 242 14.92 -6.99 -14.22
CA ALA B 242 14.22 -6.27 -15.26
C ALA B 242 15.24 -5.74 -16.27
N ALA B 243 16.30 -5.12 -15.78
CA ALA B 243 17.39 -4.49 -16.47
C ALA B 243 18.19 -5.38 -17.40
N ILE B 244 18.31 -6.66 -17.12
CA ILE B 244 19.05 -7.65 -17.87
C ILE B 244 18.13 -8.45 -18.78
N SER B 245 16.82 -8.32 -18.79
CA SER B 245 15.91 -9.12 -19.59
C SER B 245 15.06 -8.25 -20.49
N GLY B 246 15.38 -6.98 -20.66
CA GLY B 246 14.73 -5.95 -21.44
C GLY B 246 13.42 -5.58 -20.76
N GLY B 247 13.30 -5.83 -19.46
CA GLY B 247 12.14 -5.58 -18.69
C GLY B 247 11.71 -4.22 -18.27
N LYS B 248 10.55 -4.32 -17.59
CA LYS B 248 9.82 -3.19 -17.00
C LYS B 248 9.27 -3.73 -15.67
N ILE B 249 9.64 -2.99 -14.62
CA ILE B 249 9.19 -3.39 -13.27
C ILE B 249 8.93 -2.22 -12.38
N VAL B 250 8.00 -2.41 -11.44
CA VAL B 250 7.59 -1.53 -10.39
C VAL B 250 7.98 -2.31 -9.10
N CYS B 251 8.87 -1.80 -8.26
CA CYS B 251 9.24 -2.43 -6.98
C CYS B 251 8.34 -1.74 -5.98
N ARG B 252 7.37 -2.39 -5.37
CA ARG B 252 6.46 -1.81 -4.39
C ARG B 252 7.00 -1.96 -2.96
N ASN B 253 6.66 -1.11 -2.00
CA ASN B 253 7.13 -1.17 -0.60
C ASN B 253 8.68 -1.11 -0.58
N ALA B 254 9.21 -0.24 -1.44
CA ALA B 254 10.63 0.00 -1.61
C ALA B 254 11.00 1.28 -0.88
N GLN B 255 12.31 1.51 -0.70
CA GLN B 255 12.71 2.75 -0.03
C GLN B 255 13.84 3.21 -0.92
N PRO B 256 13.53 4.01 -1.93
CA PRO B 256 14.57 4.50 -2.86
C PRO B 256 15.82 5.08 -2.26
N ASP B 257 15.79 5.91 -1.23
CA ASP B 257 16.99 6.44 -0.64
C ASP B 257 17.95 5.49 -0.02
N THR B 258 17.77 4.17 0.12
CA THR B 258 18.77 3.30 0.70
C THR B 258 19.58 2.67 -0.44
N LEU B 259 19.21 2.95 -1.69
CA LEU B 259 19.82 2.46 -2.89
C LEU B 259 20.34 3.54 -3.86
N ASP B 260 20.77 4.71 -3.43
CA ASP B 260 21.18 5.72 -4.39
C ASP B 260 22.23 5.27 -5.39
N ALA B 261 23.31 4.67 -4.96
CA ALA B 261 24.38 4.17 -5.79
C ALA B 261 23.94 3.10 -6.77
N VAL B 262 23.06 2.18 -6.35
CA VAL B 262 22.58 1.17 -7.27
C VAL B 262 21.73 1.79 -8.38
N LEU B 263 20.88 2.72 -8.05
CA LEU B 263 20.00 3.41 -8.98
C LEU B 263 20.80 4.24 -10.01
N ALA B 264 21.83 4.92 -9.57
CA ALA B 264 22.70 5.71 -10.41
C ALA B 264 23.41 4.78 -11.39
N LYS B 265 23.85 3.60 -10.96
CA LYS B 265 24.53 2.64 -11.80
C LYS B 265 23.58 2.07 -12.81
N LEU B 266 22.33 1.89 -12.39
CA LEU B 266 21.33 1.36 -13.32
C LEU B 266 21.03 2.39 -14.40
N ARG B 267 20.93 3.67 -14.02
CA ARG B 267 20.72 4.70 -15.02
C ARG B 267 21.93 4.70 -15.97
N GLU B 268 23.17 4.51 -15.51
CA GLU B 268 24.37 4.42 -16.29
C GLU B 268 24.20 3.22 -17.20
N ALA B 269 23.54 2.14 -16.79
CA ALA B 269 23.33 0.99 -17.67
C ALA B 269 22.22 1.27 -18.68
N GLY B 270 21.61 2.42 -18.80
CA GLY B 270 20.55 2.51 -19.82
C GLY B 270 19.16 2.45 -19.23
N ALA B 271 19.00 2.19 -17.91
CA ALA B 271 17.69 2.08 -17.31
C ALA B 271 17.01 3.42 -17.04
N ASP B 272 15.69 3.34 -17.33
CA ASP B 272 14.70 4.42 -17.16
C ASP B 272 13.96 4.10 -15.84
N ILE B 273 14.50 4.84 -14.87
CA ILE B 273 14.09 4.66 -13.51
C ILE B 273 13.28 5.86 -13.02
N GLU B 274 12.20 5.54 -12.30
CA GLU B 274 11.39 6.59 -11.67
C GLU B 274 11.24 6.19 -10.20
N THR B 275 11.23 7.08 -9.25
CA THR B 275 11.06 6.72 -7.87
C THR B 275 9.97 7.56 -7.18
N GLY B 276 9.39 6.92 -6.15
CA GLY B 276 8.36 7.56 -5.36
C GLY B 276 8.90 7.42 -3.94
N GLU B 277 8.04 7.59 -2.94
CA GLU B 277 8.59 7.49 -1.57
C GLU B 277 8.60 6.02 -1.17
N ASP B 278 7.73 5.20 -1.77
CA ASP B 278 7.77 3.77 -1.43
C ASP B 278 7.75 2.83 -2.61
N TRP B 279 8.26 3.32 -3.74
CA TRP B 279 8.28 2.51 -4.94
C TRP B 279 9.39 2.99 -5.88
N ILE B 280 9.76 2.13 -6.81
CA ILE B 280 10.78 2.37 -7.83
C ILE B 280 10.33 1.68 -9.11
N SER B 281 10.27 2.32 -10.28
CA SER B 281 9.91 1.64 -11.51
C SER B 281 11.22 1.64 -12.35
N LEU B 282 11.42 0.66 -13.15
CA LEU B 282 12.58 0.62 -14.00
C LEU B 282 12.11 0.15 -15.38
N ASP B 283 12.47 0.87 -16.43
CA ASP B 283 12.01 0.32 -17.72
C ASP B 283 13.21 0.18 -18.67
N MET B 284 13.48 -0.97 -19.24
CA MET B 284 14.63 -1.02 -20.15
C MET B 284 14.23 -0.58 -21.56
N HIS B 285 12.94 -0.70 -21.87
CA HIS B 285 12.23 -0.41 -23.08
C HIS B 285 12.61 -1.42 -24.16
N GLY B 286 12.78 -2.66 -23.68
CA GLY B 286 13.15 -3.80 -24.47
C GLY B 286 14.62 -3.75 -24.84
N LYS B 287 15.42 -2.79 -24.37
CA LYS B 287 16.83 -2.74 -24.74
C LYS B 287 17.71 -3.50 -23.74
N ARG B 288 18.87 -3.82 -24.26
CA ARG B 288 19.97 -4.48 -23.57
C ARG B 288 20.68 -3.38 -22.76
N PRO B 289 21.18 -3.75 -21.55
CA PRO B 289 21.89 -2.76 -20.78
C PRO B 289 23.22 -2.49 -21.49
N LYS B 290 23.81 -1.38 -21.13
CA LYS B 290 25.10 -0.89 -21.53
C LYS B 290 26.08 -1.22 -20.40
N ALA B 291 27.26 -1.72 -20.65
CA ALA B 291 28.24 -2.07 -19.62
C ALA B 291 28.54 -0.85 -18.78
N VAL B 292 28.82 -1.15 -17.50
CA VAL B 292 29.02 -0.03 -16.54
C VAL B 292 30.29 -0.29 -15.78
N THR B 293 30.89 0.69 -15.18
CA THR B 293 32.05 0.47 -14.35
C THR B 293 31.54 0.48 -12.87
N VAL B 294 31.91 -0.50 -12.08
CA VAL B 294 31.47 -0.47 -10.69
C VAL B 294 32.65 -0.62 -9.75
N ARG B 295 32.66 0.17 -8.69
CA ARG B 295 33.65 0.02 -7.64
C ARG B 295 32.87 -0.26 -6.33
N THR B 296 32.79 -1.44 -5.75
CA THR B 296 32.02 -1.58 -4.50
C THR B 296 32.79 -0.95 -3.34
N ALA B 297 32.09 -0.29 -2.42
CA ALA B 297 32.66 0.33 -1.24
C ALA B 297 31.61 0.33 -0.11
N PRO B 298 31.95 0.78 1.09
CA PRO B 298 31.09 0.86 2.24
C PRO B 298 29.89 1.76 2.00
N HIS B 299 28.75 1.41 2.58
CA HIS B 299 27.54 2.20 2.44
C HIS B 299 27.92 3.61 2.84
N PRO B 300 27.37 4.62 2.13
CA PRO B 300 26.42 4.52 1.06
C PRO B 300 26.86 4.38 -0.43
N ALA B 301 28.10 3.94 -0.61
CA ALA B 301 28.67 3.72 -1.92
C ALA B 301 27.98 2.43 -2.42
N PHE B 302 28.39 1.99 -3.59
CA PHE B 302 27.83 0.82 -4.25
C PHE B 302 28.02 -0.40 -3.37
N PRO B 303 26.96 -1.15 -3.05
CA PRO B 303 27.13 -2.25 -2.16
C PRO B 303 27.72 -3.53 -2.66
N THR B 304 28.65 -4.10 -1.98
CA THR B 304 29.22 -5.38 -2.30
C THR B 304 28.13 -6.43 -2.46
N ASP B 305 27.00 -6.37 -1.77
CA ASP B 305 25.90 -7.33 -1.88
C ASP B 305 25.15 -7.23 -3.19
N MET B 306 25.45 -6.20 -4.01
CA MET B 306 24.87 -6.03 -5.37
C MET B 306 25.91 -6.38 -6.45
N GLN B 307 27.14 -6.65 -6.15
CA GLN B 307 28.24 -6.96 -7.05
C GLN B 307 27.89 -8.16 -7.91
N ALA B 308 27.53 -9.34 -7.40
CA ALA B 308 27.24 -10.53 -8.20
C ALA B 308 26.23 -10.25 -9.31
N GLN B 309 25.19 -9.51 -8.98
CA GLN B 309 24.08 -9.13 -9.82
C GLN B 309 24.50 -8.16 -10.95
N PHE B 310 25.34 -7.20 -10.65
CA PHE B 310 25.82 -6.26 -11.62
C PHE B 310 26.90 -6.88 -12.51
N THR B 311 27.59 -7.92 -12.00
CA THR B 311 28.57 -8.69 -12.76
C THR B 311 27.76 -9.43 -13.84
N LEU B 312 26.64 -10.06 -13.51
CA LEU B 312 25.74 -10.67 -14.46
C LEU B 312 25.21 -9.56 -15.36
N LEU B 313 24.75 -8.38 -15.00
CA LEU B 313 24.31 -7.34 -15.91
C LEU B 313 25.43 -6.99 -16.91
N ASN B 314 26.69 -6.76 -16.53
CA ASN B 314 27.78 -6.48 -17.43
C ASN B 314 28.11 -7.61 -18.42
N LEU B 315 27.99 -8.89 -18.08
CA LEU B 315 28.21 -10.06 -18.85
C LEU B 315 27.19 -10.32 -19.96
N VAL B 316 26.03 -9.68 -19.93
CA VAL B 316 24.98 -9.71 -20.90
C VAL B 316 24.76 -8.30 -21.41
N ALA B 317 25.53 -7.27 -21.08
CA ALA B 317 25.33 -5.95 -21.56
C ALA B 317 26.06 -5.69 -22.90
N GLU B 318 25.82 -4.51 -23.38
CA GLU B 318 26.51 -4.02 -24.56
C GLU B 318 27.84 -3.45 -24.17
N GLY B 319 28.95 -4.08 -24.47
CA GLY B 319 30.23 -3.47 -24.10
C GLY B 319 31.00 -4.22 -23.03
N THR B 320 32.02 -3.59 -22.53
CA THR B 320 32.98 -4.01 -21.56
C THR B 320 32.81 -3.12 -20.34
N GLY B 321 32.85 -3.80 -19.22
CA GLY B 321 32.71 -3.05 -17.98
C GLY B 321 33.46 -3.94 -17.01
N VAL B 322 34.11 -3.31 -16.07
CA VAL B 322 34.88 -3.95 -15.03
C VAL B 322 34.21 -3.66 -13.67
N ILE B 323 34.23 -4.65 -12.79
CA ILE B 323 33.66 -4.61 -11.45
C ILE B 323 34.82 -4.84 -10.45
N THR B 324 34.97 -3.81 -9.62
CA THR B 324 36.00 -3.94 -8.62
C THR B 324 35.45 -4.00 -7.18
N GLU B 325 35.96 -4.98 -6.41
CA GLU B 325 35.60 -5.12 -4.99
C GLU B 325 36.68 -4.33 -4.23
N THR B 326 36.41 -3.15 -3.69
CA THR B 326 37.45 -2.38 -3.04
C THR B 326 37.84 -2.85 -1.66
N ILE B 327 36.99 -3.63 -1.00
CA ILE B 327 37.30 -4.04 0.36
C ILE B 327 37.45 -5.54 0.47
N PHE B 328 36.46 -6.22 -0.09
CA PHE B 328 36.46 -7.68 -0.03
C PHE B 328 37.18 -8.49 -1.09
N GLU B 329 37.80 -9.58 -0.55
CA GLU B 329 38.51 -10.50 -1.40
C GLU B 329 37.70 -11.79 -1.57
N ASN B 330 38.07 -12.45 -2.67
CA ASN B 330 37.53 -13.71 -3.12
C ASN B 330 36.03 -13.68 -3.36
N ARG B 331 35.53 -12.61 -4.02
CA ARG B 331 34.10 -12.47 -4.26
C ARG B 331 33.59 -12.73 -5.66
N PHE B 332 34.32 -13.33 -6.56
CA PHE B 332 33.89 -13.59 -7.94
C PHE B 332 33.80 -15.08 -8.26
N MET B 333 33.50 -15.95 -7.28
CA MET B 333 33.43 -17.40 -7.47
C MET B 333 32.27 -17.88 -8.32
N HIS B 334 31.29 -17.00 -8.52
CA HIS B 334 30.19 -17.27 -9.42
C HIS B 334 30.63 -16.92 -10.86
N VAL B 335 31.75 -16.22 -11.11
CA VAL B 335 32.11 -15.84 -12.49
C VAL B 335 32.47 -17.06 -13.30
N PRO B 336 33.23 -18.04 -12.81
CA PRO B 336 33.48 -19.29 -13.53
C PRO B 336 32.17 -19.97 -13.94
N GLU B 337 31.08 -19.94 -13.17
CA GLU B 337 29.79 -20.50 -13.47
C GLU B 337 29.12 -19.84 -14.65
N LEU B 338 29.15 -18.50 -14.62
CA LEU B 338 28.63 -17.60 -15.62
C LEU B 338 29.47 -17.79 -16.89
N ILE B 339 30.76 -18.01 -16.81
CA ILE B 339 31.59 -18.25 -18.01
C ILE B 339 31.17 -19.57 -18.64
N ARG B 340 30.68 -20.50 -17.83
CA ARG B 340 30.15 -21.79 -18.22
C ARG B 340 28.78 -21.64 -18.86
N MET B 341 28.10 -20.52 -18.85
CA MET B 341 26.86 -20.16 -19.45
C MET B 341 27.17 -19.30 -20.70
N GLY B 342 28.41 -19.30 -21.15
CA GLY B 342 28.80 -18.51 -22.30
C GLY B 342 29.26 -17.10 -22.06
N ALA B 343 29.57 -16.64 -20.86
CA ALA B 343 29.98 -15.30 -20.52
C ALA B 343 31.47 -15.11 -20.81
N HIS B 344 31.89 -13.87 -21.03
CA HIS B 344 33.26 -13.53 -21.29
C HIS B 344 33.76 -12.59 -20.22
N ALA B 345 34.72 -13.09 -19.43
CA ALA B 345 35.24 -12.25 -18.35
C ALA B 345 36.64 -12.68 -17.92
N GLU B 346 37.45 -11.75 -17.43
CA GLU B 346 38.74 -12.17 -16.92
C GLU B 346 38.62 -11.73 -15.46
N ILE B 347 39.16 -12.53 -14.57
CA ILE B 347 39.10 -12.20 -13.14
C ILE B 347 40.55 -11.83 -12.85
N GLU B 348 40.85 -10.59 -12.48
CA GLU B 348 42.23 -10.23 -12.26
C GLU B 348 42.24 -9.58 -10.92
N SER B 349 42.90 -10.16 -9.91
CA SER B 349 42.96 -9.58 -8.57
C SER B 349 41.54 -9.46 -8.02
N ASN B 350 41.14 -8.32 -7.52
CA ASN B 350 39.83 -8.03 -6.93
C ASN B 350 38.94 -7.40 -8.02
N THR B 351 39.13 -7.77 -9.31
CA THR B 351 38.29 -7.13 -10.29
C THR B 351 37.85 -8.16 -11.32
N VAL B 352 36.68 -7.97 -11.87
CA VAL B 352 36.25 -8.90 -12.93
C VAL B 352 36.04 -7.95 -14.13
N ILE B 353 36.73 -8.33 -15.22
CA ILE B 353 36.66 -7.61 -16.47
C ILE B 353 35.60 -8.29 -17.32
N CYS B 354 34.48 -7.67 -17.60
CA CYS B 354 33.38 -8.21 -18.30
C CYS B 354 33.22 -7.74 -19.73
N HIS B 355 32.99 -8.70 -20.59
CA HIS B 355 32.77 -8.36 -22.03
C HIS B 355 31.39 -8.91 -22.39
N GLY B 356 30.41 -8.03 -22.42
CA GLY B 356 29.07 -8.50 -22.66
C GLY B 356 28.79 -9.37 -23.86
N VAL B 357 28.01 -10.43 -23.65
CA VAL B 357 27.59 -11.33 -24.69
C VAL B 357 26.09 -11.06 -24.83
N GLU B 358 25.58 -11.32 -26.03
CA GLU B 358 24.15 -11.09 -26.23
C GLU B 358 23.32 -12.14 -25.50
N LYS B 359 23.69 -13.41 -25.48
CA LYS B 359 22.87 -14.41 -24.83
C LYS B 359 23.74 -15.48 -24.21
N LEU B 360 23.11 -15.93 -23.09
CA LEU B 360 23.74 -16.98 -22.28
C LEU B 360 22.99 -18.26 -22.70
N SER B 361 23.59 -19.35 -22.27
CA SER B 361 23.09 -20.66 -22.48
C SER B 361 22.89 -21.35 -21.12
N GLY B 362 21.82 -22.07 -20.97
CA GLY B 362 21.64 -22.75 -19.68
C GLY B 362 22.78 -23.69 -19.45
N ALA B 363 23.04 -23.85 -18.16
CA ALA B 363 24.06 -24.72 -17.63
C ALA B 363 23.62 -25.14 -16.22
N GLN B 364 24.36 -26.07 -15.69
CA GLN B 364 24.22 -26.57 -14.32
C GLN B 364 25.24 -25.72 -13.53
N VAL B 365 24.73 -24.83 -12.69
CA VAL B 365 25.58 -23.93 -11.92
C VAL B 365 25.29 -23.97 -10.43
N MET B 366 26.23 -23.54 -9.60
CA MET B 366 26.13 -23.46 -8.17
C MET B 366 27.06 -22.35 -7.62
N ALA B 367 26.49 -21.58 -6.68
CA ALA B 367 27.25 -20.54 -5.99
C ALA B 367 26.84 -20.78 -4.52
N THR B 368 27.83 -20.56 -3.68
CA THR B 368 27.56 -20.78 -2.24
C THR B 368 27.11 -19.48 -1.61
N ASP B 369 27.44 -18.33 -2.15
CA ASP B 369 27.02 -17.05 -1.59
C ASP B 369 25.55 -16.85 -1.88
N LEU B 370 24.72 -16.33 -1.01
CA LEU B 370 23.34 -16.04 -1.25
C LEU B 370 23.10 -15.21 -2.54
N ARG B 371 23.85 -14.08 -2.66
CA ARG B 371 23.70 -13.09 -3.71
C ARG B 371 24.20 -13.60 -5.05
N ALA B 372 25.32 -14.31 -4.98
CA ALA B 372 25.83 -14.89 -6.26
C ALA B 372 24.86 -15.99 -6.67
N SER B 373 24.35 -16.79 -5.69
CA SER B 373 23.39 -17.86 -5.98
C SER B 373 22.16 -17.17 -6.55
N ALA B 374 21.61 -16.08 -6.03
CA ALA B 374 20.46 -15.39 -6.60
C ALA B 374 20.78 -14.85 -8.01
N SER B 375 22.02 -14.42 -8.27
CA SER B 375 22.43 -13.93 -9.59
C SER B 375 22.40 -15.03 -10.66
N LEU B 376 22.75 -16.26 -10.24
CA LEU B 376 22.74 -17.45 -11.10
C LEU B 376 21.30 -17.81 -11.46
N VAL B 377 20.26 -17.61 -10.63
CA VAL B 377 18.87 -17.86 -10.93
C VAL B 377 18.41 -16.85 -12.00
N LEU B 378 18.80 -15.58 -11.78
CA LEU B 378 18.52 -14.47 -12.67
C LEU B 378 19.13 -14.80 -14.02
N ALA B 379 20.35 -15.35 -13.98
CA ALA B 379 21.04 -15.74 -15.20
C ALA B 379 20.20 -16.86 -15.81
N GLY B 380 19.72 -17.87 -15.12
CA GLY B 380 18.90 -18.91 -15.71
C GLY B 380 17.69 -18.41 -16.45
N CYS B 381 17.11 -17.33 -15.91
CA CYS B 381 15.92 -16.75 -16.51
C CYS B 381 16.15 -16.12 -17.88
N ILE B 382 17.35 -15.63 -18.18
CA ILE B 382 17.63 -14.92 -19.44
C ILE B 382 18.42 -15.78 -20.44
N ALA B 383 19.04 -16.84 -19.94
CA ALA B 383 19.78 -17.75 -20.73
C ALA B 383 18.82 -18.59 -21.61
N GLU B 384 19.42 -19.09 -22.69
CA GLU B 384 18.70 -19.92 -23.64
C GLU B 384 18.59 -21.32 -23.06
N GLY B 385 17.36 -21.83 -22.84
CA GLY B 385 17.37 -23.21 -22.33
C GLY B 385 17.19 -23.28 -20.82
N THR B 386 17.65 -24.36 -20.26
CA THR B 386 17.57 -24.70 -18.86
C THR B 386 18.89 -24.65 -18.08
N THR B 387 18.72 -23.91 -16.98
CA THR B 387 19.74 -23.68 -15.97
C THR B 387 19.28 -24.42 -14.69
N VAL B 388 20.21 -25.13 -14.09
CA VAL B 388 19.94 -25.83 -12.87
C VAL B 388 20.91 -25.25 -11.82
N VAL B 389 20.29 -24.49 -10.92
CA VAL B 389 21.03 -23.85 -9.85
C VAL B 389 20.88 -24.80 -8.66
N ASP B 390 21.96 -25.32 -8.16
CA ASP B 390 22.11 -26.24 -7.04
C ASP B 390 22.35 -25.47 -5.74
N ARG B 391 22.12 -26.17 -4.62
CA ARG B 391 22.25 -25.63 -3.28
C ARG B 391 21.57 -24.31 -3.09
N ILE B 392 20.33 -24.16 -3.39
CA ILE B 392 19.41 -23.05 -3.34
C ILE B 392 18.96 -22.67 -1.97
N TYR B 393 19.35 -23.52 -0.99
CA TYR B 393 18.93 -23.21 0.36
C TYR B 393 19.52 -21.86 0.76
N HIS B 394 20.66 -21.36 0.26
CA HIS B 394 21.13 -20.06 0.70
C HIS B 394 20.12 -19.01 0.32
N ILE B 395 19.66 -19.03 -0.93
CA ILE B 395 18.62 -18.10 -1.37
C ILE B 395 17.38 -18.29 -0.51
N ASP B 396 16.85 -19.49 -0.25
CA ASP B 396 15.63 -19.61 0.60
C ASP B 396 15.67 -18.91 1.96
N ARG B 397 16.87 -18.92 2.57
CA ARG B 397 17.13 -18.30 3.84
C ARG B 397 17.34 -16.80 3.74
N GLY B 398 17.68 -16.24 2.57
CA GLY B 398 17.88 -14.81 2.46
C GLY B 398 16.85 -14.01 1.69
N TYR B 399 16.02 -14.64 0.89
CA TYR B 399 14.98 -14.11 0.05
C TYR B 399 13.70 -14.90 0.37
N GLU B 400 12.66 -14.11 0.58
CA GLU B 400 11.33 -14.67 0.88
C GLU B 400 10.69 -15.20 -0.41
N ARG B 401 10.76 -16.49 -0.64
CA ARG B 401 10.18 -17.13 -1.80
C ARG B 401 10.51 -16.35 -3.07
N ILE B 402 11.81 -16.32 -3.38
CA ILE B 402 12.16 -15.60 -4.63
C ILE B 402 11.47 -16.29 -5.78
N GLU B 403 11.26 -17.60 -5.78
CA GLU B 403 10.59 -18.25 -6.92
C GLU B 403 9.20 -17.72 -7.10
N ASP B 404 8.43 -17.44 -6.04
CA ASP B 404 7.10 -16.90 -6.32
C ASP B 404 7.16 -15.52 -6.89
N LYS B 405 8.10 -14.67 -6.44
CA LYS B 405 8.20 -13.31 -6.96
C LYS B 405 8.70 -13.32 -8.42
N LEU B 406 9.65 -14.17 -8.73
CA LEU B 406 10.20 -14.25 -10.09
C LEU B 406 9.12 -14.68 -11.07
N ARG B 407 8.40 -15.72 -10.67
CA ARG B 407 7.30 -16.32 -11.39
C ARG B 407 6.26 -15.30 -11.70
N ALA B 408 5.97 -14.37 -10.80
CA ALA B 408 4.99 -13.34 -11.08
C ALA B 408 5.43 -12.26 -12.07
N LEU B 409 6.72 -12.30 -12.38
CA LEU B 409 7.37 -11.38 -13.27
C LEU B 409 7.56 -12.07 -14.62
N GLY B 410 7.23 -13.35 -14.71
CA GLY B 410 7.39 -14.12 -15.93
C GLY B 410 8.37 -15.28 -15.92
N ALA B 411 9.13 -15.45 -14.82
CA ALA B 411 10.08 -16.55 -14.78
C ALA B 411 9.39 -17.92 -14.76
N ASN B 412 10.10 -18.84 -15.41
CA ASN B 412 9.67 -20.23 -15.46
C ASN B 412 10.68 -20.90 -14.52
N ILE B 413 10.20 -21.18 -13.30
CA ILE B 413 11.20 -21.80 -12.41
C ILE B 413 10.57 -22.91 -11.61
N GLU B 414 11.35 -23.92 -11.28
CA GLU B 414 10.95 -25.09 -10.55
C GLU B 414 11.91 -25.46 -9.42
N ARG B 415 11.36 -25.84 -8.26
CA ARG B 415 12.18 -26.31 -7.18
C ARG B 415 12.24 -27.84 -7.35
N VAL B 416 13.45 -28.34 -7.30
CA VAL B 416 13.74 -29.74 -7.48
C VAL B 416 14.22 -30.23 -6.13
N LYS B 417 13.34 -31.02 -5.50
CA LYS B 417 13.63 -31.55 -4.16
C LYS B 417 14.69 -32.59 -4.04
N GLY B 418 14.81 -33.44 -5.05
CA GLY B 418 15.90 -34.43 -5.03
C GLY B 418 17.12 -33.64 -5.57
N GLU B 419 18.25 -34.37 -5.51
CA GLU B 419 19.51 -33.79 -6.00
C GLU B 419 19.67 -34.35 -7.43
C1 HAI C . 5.28 3.97 -13.71
C2 HAI C . 4.93 2.84 -12.91
C3 HAI C . 4.97 3.14 -11.38
C4 HAI C . 4.02 4.27 -11.02
C5 HAI C . 4.53 5.47 -11.83
C6 HAI C . 5.01 5.42 -13.40
N HAI C . 6.03 3.73 -14.93
C1 HAI D . 2.93 1.77 -5.74
C2 HAI D . 1.99 2.96 -5.91
C3 HAI D . 2.77 4.01 -6.74
C4 HAI D . 3.19 3.43 -8.11
C5 HAI D . 3.82 2.05 -8.14
C6 HAI D . 2.81 1.60 -7.22
N HAI D . 2.25 0.74 -4.91
#